data_1ZQ7
#
_entry.id   1ZQ7
#
_cell.length_a   137.880
_cell.length_b   57.576
_cell.length_c   115.654
_cell.angle_alpha   90.00
_cell.angle_beta   110.60
_cell.angle_gamma   90.00
#
_symmetry.space_group_name_H-M   'C 1 2 1'
#
loop_
_entity.id
_entity.type
_entity.pdbx_description
1 polymer 'Hypothetical protein MM0484'
2 water water
#
_entity_poly.entity_id   1
_entity_poly.type   'polypeptide(L)'
_entity_poly.pdbx_seq_one_letter_code
;(MSE)LTETEGRAAVKLARKTIEIFLSKGKSPRPDASGVELSPVFEEYRGVFVTLTEGGLLRGCIGHPYPDSTLKEAILD
SAISAATRDPRFPTVEQDE(MSE)KNILVEVTILTQPEKINASPKELPDKVEIGKHGLIVKQGYCQGLLLPQVAPEND
(MSE)DSIDFLSHTC(MSE)KAGLSPDAWVKGAEVYCFEGQIFKEKEPDGEVIEEKFLEHHHHHH
;
_entity_poly.pdbx_strand_id   A,B,C,D
#
# COMPACT_ATOMS: atom_id res chain seq x y z
N MSE A 1 33.84 -4.26 0.77
CA MSE A 1 34.29 -5.10 -0.39
C MSE A 1 35.51 -5.92 0.00
O MSE A 1 36.43 -5.43 0.65
CB MSE A 1 34.63 -4.20 -1.58
CG MSE A 1 33.47 -3.40 -2.16
SE MSE A 1 32.12 -4.51 -3.01
CE MSE A 1 32.92 -4.63 -4.76
N LEU A 2 35.51 -7.18 -0.41
CA LEU A 2 36.63 -8.08 -0.13
C LEU A 2 37.65 -8.00 -1.25
N THR A 3 38.93 -8.15 -0.90
CA THR A 3 39.99 -8.14 -1.91
C THR A 3 39.90 -9.49 -2.60
N GLU A 4 40.59 -9.64 -3.72
CA GLU A 4 40.58 -10.90 -4.46
C GLU A 4 41.12 -12.01 -3.54
N THR A 5 42.20 -11.71 -2.84
CA THR A 5 42.82 -12.66 -1.92
C THR A 5 41.78 -13.15 -0.92
N GLU A 6 41.06 -12.19 -0.34
CA GLU A 6 40.03 -12.47 0.65
C GLU A 6 38.87 -13.22 -0.01
N GLY A 7 38.59 -12.88 -1.26
CA GLY A 7 37.51 -13.54 -1.97
C GLY A 7 37.81 -15.03 -2.12
N ARG A 8 39.07 -15.33 -2.39
CA ARG A 8 39.53 -16.71 -2.55
C ARG A 8 39.47 -17.44 -1.21
N ALA A 9 39.83 -16.74 -0.13
CA ALA A 9 39.82 -17.32 1.20
C ALA A 9 38.39 -17.65 1.64
N ALA A 10 37.44 -16.88 1.12
CA ALA A 10 36.03 -17.10 1.45
C ALA A 10 35.50 -18.39 0.83
N VAL A 11 35.86 -18.65 -0.42
CA VAL A 11 35.39 -19.87 -1.08
C VAL A 11 36.10 -21.10 -0.51
N LYS A 12 37.37 -20.96 -0.18
CA LYS A 12 38.13 -22.07 0.38
C LYS A 12 37.57 -22.40 1.75
N LEU A 13 37.19 -21.36 2.50
CA LEU A 13 36.62 -21.57 3.82
C LEU A 13 35.29 -22.31 3.69
N ALA A 14 34.52 -21.96 2.66
CA ALA A 14 33.23 -22.60 2.43
C ALA A 14 33.43 -24.07 2.04
N ARG A 15 34.33 -24.31 1.09
CA ARG A 15 34.60 -25.65 0.61
C ARG A 15 35.14 -26.56 1.73
N LYS A 16 36.11 -26.06 2.48
CA LYS A 16 36.71 -26.84 3.56
C LYS A 16 35.74 -27.12 4.71
N THR A 17 34.89 -26.15 5.03
CA THR A 17 33.92 -26.34 6.09
C THR A 17 33.00 -27.51 5.74
N ILE A 18 32.64 -27.62 4.47
CA ILE A 18 31.74 -28.67 4.00
C ILE A 18 32.41 -30.04 3.93
N GLU A 19 33.65 -30.09 3.46
CA GLU A 19 34.35 -31.35 3.36
C GLU A 19 34.61 -31.96 4.70
N ILE A 20 34.97 -31.11 5.66
CA ILE A 20 35.28 -31.51 7.01
C ILE A 20 34.02 -32.03 7.71
N PHE A 21 32.95 -31.24 7.64
CA PHE A 21 31.68 -31.61 8.26
C PHE A 21 31.13 -32.88 7.66
N LEU A 22 31.32 -33.03 6.35
CA LEU A 22 30.88 -34.19 5.60
C LEU A 22 31.72 -35.40 5.96
N SER A 23 32.86 -35.14 6.61
CA SER A 23 33.79 -36.16 7.04
C SER A 23 33.53 -36.72 8.42
N LYS A 24 33.73 -35.88 9.44
CA LYS A 24 33.53 -36.27 10.84
C LYS A 24 32.23 -35.76 11.44
N GLY A 25 31.33 -35.36 10.54
CA GLY A 25 30.03 -34.85 10.92
C GLY A 25 29.95 -33.72 11.88
N LYS A 26 30.90 -32.81 11.77
CA LYS A 26 30.88 -31.69 12.65
C LYS A 26 31.88 -30.64 12.27
N SER A 27 31.88 -29.59 13.07
CA SER A 27 32.55 -28.36 12.81
C SER A 27 33.34 -27.67 13.87
N PRO A 28 34.45 -27.03 13.41
CA PRO A 28 35.50 -26.26 14.08
C PRO A 28 35.40 -24.87 13.93
N ARG A 29 36.60 -24.62 13.40
CA ARG A 29 37.60 -23.68 12.84
C ARG A 29 38.74 -23.42 13.85
N SER A 33 40.56 -25.66 10.55
CA SER A 33 40.26 -24.81 9.40
C SER A 33 41.41 -24.83 8.40
N GLY A 34 42.48 -24.09 8.69
CA GLY A 34 43.63 -24.05 7.81
C GLY A 34 43.60 -23.02 6.71
N VAL A 35 42.74 -22.01 6.83
CA VAL A 35 42.63 -20.96 5.82
C VAL A 35 42.94 -19.60 6.42
N GLU A 36 43.88 -18.89 5.79
CA GLU A 36 44.28 -17.56 6.26
C GLU A 36 43.13 -16.57 6.14
N LEU A 37 42.60 -16.11 7.27
CA LEU A 37 41.48 -15.17 7.26
C LEU A 37 41.84 -13.78 7.76
N SER A 38 41.69 -12.77 6.91
CA SER A 38 41.98 -11.39 7.29
C SER A 38 40.87 -10.87 8.19
N PRO A 39 41.04 -9.67 8.76
CA PRO A 39 39.99 -9.12 9.64
C PRO A 39 38.63 -8.88 8.97
N VAL A 40 38.58 -8.90 7.65
CA VAL A 40 37.30 -8.68 6.97
C VAL A 40 36.29 -9.75 7.37
N PHE A 41 36.79 -10.93 7.75
CA PHE A 41 35.89 -12.02 8.13
C PHE A 41 35.28 -11.84 9.51
N GLU A 42 35.66 -10.76 10.19
CA GLU A 42 35.12 -10.47 11.51
C GLU A 42 34.01 -9.43 11.40
N GLU A 43 33.87 -8.88 10.20
CA GLU A 43 32.85 -7.87 9.96
C GLU A 43 31.48 -8.53 9.82
N TYR A 44 30.44 -7.82 10.22
CA TYR A 44 29.09 -8.36 10.11
C TYR A 44 28.54 -8.06 8.73
N ARG A 45 28.26 -9.11 7.98
CA ARG A 45 27.72 -8.96 6.65
C ARG A 45 27.03 -10.23 6.15
N GLY A 46 26.04 -10.04 5.28
CA GLY A 46 25.29 -11.15 4.73
C GLY A 46 26.13 -11.95 3.77
N VAL A 47 25.72 -13.19 3.54
CA VAL A 47 26.46 -14.07 2.63
C VAL A 47 25.58 -15.22 2.17
N PHE A 48 25.94 -15.80 1.04
CA PHE A 48 25.25 -16.94 0.48
C PHE A 48 26.33 -17.87 -0.02
N VAL A 49 26.08 -19.17 0.08
CA VAL A 49 27.02 -20.16 -0.42
C VAL A 49 26.26 -20.98 -1.44
N THR A 50 26.85 -21.14 -2.62
CA THR A 50 26.20 -21.88 -3.68
C THR A 50 27.03 -23.04 -4.19
N LEU A 51 26.35 -24.14 -4.49
CA LEU A 51 27.00 -25.33 -5.01
C LEU A 51 26.36 -25.66 -6.35
N THR A 52 27.19 -25.94 -7.35
CA THR A 52 26.71 -26.33 -8.66
C THR A 52 27.44 -27.62 -9.03
N GLU A 53 26.79 -28.44 -9.82
CA GLU A 53 27.38 -29.70 -10.25
C GLU A 53 26.89 -30.02 -11.65
N GLY A 54 27.81 -30.15 -12.58
CA GLY A 54 27.41 -30.44 -13.94
C GLY A 54 26.64 -29.27 -14.54
N GLY A 55 26.96 -28.06 -14.10
CA GLY A 55 26.29 -26.88 -14.60
C GLY A 55 24.90 -26.67 -14.03
N LEU A 56 24.55 -27.44 -13.00
CA LEU A 56 23.24 -27.30 -12.37
C LEU A 56 23.35 -26.99 -10.89
N LEU A 57 22.34 -26.29 -10.37
CA LEU A 57 22.32 -25.94 -8.95
C LEU A 57 22.29 -27.24 -8.15
N ARG A 58 23.11 -27.30 -7.09
CA ARG A 58 23.20 -28.47 -6.24
C ARG A 58 22.84 -28.12 -4.80
N GLY A 59 22.79 -26.83 -4.51
CA GLY A 59 22.45 -26.36 -3.18
C GLY A 59 22.88 -24.92 -2.94
N CYS A 60 22.08 -24.17 -2.20
CA CYS A 60 22.40 -22.78 -1.88
C CYS A 60 21.62 -22.31 -0.67
N ILE A 61 22.32 -21.80 0.33
CA ILE A 61 21.71 -21.27 1.53
C ILE A 61 22.48 -20.02 1.92
N GLY A 62 21.80 -19.05 2.52
CA GLY A 62 22.47 -17.82 2.92
C GLY A 62 21.70 -16.98 3.91
N HIS A 63 22.37 -15.96 4.44
CA HIS A 63 21.77 -15.04 5.40
C HIS A 63 21.92 -13.65 4.77
N PRO A 64 20.81 -13.06 4.30
CA PRO A 64 20.83 -11.74 3.68
C PRO A 64 21.25 -10.61 4.62
N TYR A 65 20.73 -10.66 5.84
CA TYR A 65 21.03 -9.66 6.85
C TYR A 65 22.38 -9.90 7.50
N PRO A 66 23.08 -8.82 7.90
CA PRO A 66 24.39 -8.95 8.54
C PRO A 66 24.22 -9.26 10.02
N ASP A 67 23.56 -10.37 10.33
CA ASP A 67 23.33 -10.74 11.74
C ASP A 67 24.59 -11.32 12.37
N SER A 68 25.44 -11.92 11.54
CA SER A 68 26.66 -12.55 12.06
C SER A 68 27.92 -12.07 11.34
N THR A 69 29.07 -12.41 11.92
CA THR A 69 30.35 -12.06 11.30
C THR A 69 30.39 -12.88 10.02
N LEU A 70 31.13 -12.42 9.02
CA LEU A 70 31.25 -13.12 7.74
C LEU A 70 31.71 -14.56 7.92
N LYS A 71 32.70 -14.75 8.78
CA LYS A 71 33.26 -16.07 9.08
C LYS A 71 32.15 -17.04 9.48
N GLU A 72 31.41 -16.69 10.52
CA GLU A 72 30.34 -17.52 11.02
C GLU A 72 29.24 -17.75 9.98
N ALA A 73 28.89 -16.70 9.24
CA ALA A 73 27.85 -16.81 8.24
C ALA A 73 28.27 -17.77 7.13
N ILE A 74 29.57 -17.78 6.80
CA ILE A 74 30.08 -18.66 5.77
C ILE A 74 30.03 -20.14 6.20
N LEU A 75 30.51 -20.44 7.39
CA LEU A 75 30.50 -21.82 7.86
C LEU A 75 29.08 -22.36 7.89
N ASP A 76 28.18 -21.61 8.51
CA ASP A 76 26.78 -22.01 8.62
C ASP A 76 26.13 -22.19 7.26
N SER A 77 26.23 -21.17 6.42
CA SER A 77 25.64 -21.20 5.08
C SER A 77 26.17 -22.38 4.26
N ALA A 78 27.49 -22.56 4.28
CA ALA A 78 28.11 -23.63 3.51
C ALA A 78 27.60 -25.01 3.91
N ILE A 79 27.54 -25.30 5.20
CA ILE A 79 27.07 -26.61 5.65
C ILE A 79 25.60 -26.81 5.31
N SER A 80 24.80 -25.75 5.42
CA SER A 80 23.38 -25.85 5.11
C SER A 80 23.14 -26.05 3.61
N ALA A 81 23.96 -25.40 2.80
CA ALA A 81 23.85 -25.50 1.35
C ALA A 81 24.07 -26.93 0.86
N ALA A 82 24.84 -27.68 1.64
CA ALA A 82 25.15 -29.06 1.30
C ALA A 82 24.28 -30.10 1.99
N THR A 83 23.71 -29.75 3.13
CA THR A 83 22.89 -30.71 3.86
C THR A 83 21.51 -30.25 4.32
N ARG A 84 21.21 -28.97 4.14
CA ARG A 84 19.91 -28.47 4.58
C ARG A 84 19.06 -27.77 3.53
N ASP A 85 19.33 -28.04 2.25
CA ASP A 85 18.54 -27.44 1.17
C ASP A 85 17.53 -28.51 0.78
N PRO A 86 16.26 -28.34 1.19
CA PRO A 86 15.19 -29.29 0.90
C PRO A 86 14.88 -29.54 -0.57
N ARG A 87 15.48 -28.73 -1.45
CA ARG A 87 15.25 -28.88 -2.88
C ARG A 87 16.12 -29.99 -3.46
N PHE A 88 17.17 -30.36 -2.74
CA PHE A 88 18.10 -31.39 -3.21
C PHE A 88 18.41 -32.40 -2.13
N PRO A 89 18.90 -33.59 -2.54
CA PRO A 89 19.24 -34.59 -1.53
C PRO A 89 20.57 -34.13 -0.94
N THR A 90 20.95 -34.66 0.22
CA THR A 90 22.21 -34.27 0.85
C THR A 90 23.38 -34.63 -0.05
N VAL A 91 24.45 -33.84 0.01
CA VAL A 91 25.62 -34.10 -0.82
C VAL A 91 26.52 -35.10 -0.10
N GLU A 92 26.98 -36.11 -0.85
CA GLU A 92 27.87 -37.14 -0.32
C GLU A 92 29.31 -36.63 -0.37
N GLN A 93 30.18 -37.26 0.41
CA GLN A 93 31.58 -36.86 0.44
C GLN A 93 32.21 -36.91 -0.95
N ASP A 94 32.00 -38.02 -1.66
CA ASP A 94 32.56 -38.21 -2.99
C ASP A 94 32.13 -37.15 -4.01
N GLU A 95 31.02 -36.48 -3.75
CA GLU A 95 30.50 -35.46 -4.67
C GLU A 95 31.28 -34.15 -4.74
N MSE A 96 31.89 -33.74 -3.64
CA MSE A 96 32.62 -32.48 -3.60
C MSE A 96 33.73 -32.31 -4.63
O MSE A 96 34.05 -31.19 -5.03
CB MSE A 96 33.18 -32.23 -2.19
CG MSE A 96 32.10 -31.87 -1.17
SE MSE A 96 31.12 -30.22 -1.61
CE MSE A 96 32.39 -28.96 -0.91
N LYS A 97 34.31 -33.41 -5.09
CA LYS A 97 35.37 -33.33 -6.08
C LYS A 97 34.80 -32.95 -7.45
N ASN A 98 33.47 -32.99 -7.58
CA ASN A 98 32.79 -32.65 -8.83
C ASN A 98 31.82 -31.49 -8.64
N ILE A 99 31.96 -30.77 -7.54
CA ILE A 99 31.08 -29.65 -7.25
C ILE A 99 31.85 -28.33 -7.30
N LEU A 100 31.20 -27.28 -7.80
CA LEU A 100 31.81 -25.95 -7.86
C LEU A 100 31.26 -25.11 -6.72
N VAL A 101 32.14 -24.43 -5.98
CA VAL A 101 31.74 -23.59 -4.85
C VAL A 101 31.70 -22.11 -5.19
N GLU A 102 30.58 -21.46 -4.82
CA GLU A 102 30.37 -20.04 -5.06
C GLU A 102 30.00 -19.37 -3.74
N VAL A 103 30.51 -18.18 -3.51
CA VAL A 103 30.18 -17.44 -2.30
C VAL A 103 29.81 -16.01 -2.66
N THR A 104 28.63 -15.59 -2.24
CA THR A 104 28.17 -14.24 -2.50
C THR A 104 28.30 -13.45 -1.19
N ILE A 105 29.22 -12.50 -1.17
CA ILE A 105 29.42 -11.69 0.03
C ILE A 105 28.82 -10.30 -0.12
N LEU A 106 27.94 -9.93 0.81
CA LEU A 106 27.30 -8.62 0.80
C LEU A 106 28.10 -7.65 1.66
N THR A 107 28.10 -6.38 1.30
CA THR A 107 28.83 -5.36 2.06
C THR A 107 28.01 -4.97 3.28
N GLN A 108 28.67 -4.35 4.25
CA GLN A 108 27.99 -3.89 5.44
C GLN A 108 27.01 -2.79 5.01
N PRO A 109 25.74 -2.92 5.41
CA PRO A 109 24.72 -1.93 5.04
C PRO A 109 25.07 -0.53 5.53
N GLU A 110 25.06 0.44 4.63
CA GLU A 110 25.38 1.82 4.98
C GLU A 110 24.16 2.71 4.88
N LYS A 111 23.91 3.49 5.92
CA LYS A 111 22.76 4.38 5.95
C LYS A 111 22.85 5.44 4.85
N ILE A 112 21.72 5.68 4.18
CA ILE A 112 21.70 6.72 3.16
C ILE A 112 21.30 7.95 3.95
N ASN A 113 22.21 8.92 4.02
CA ASN A 113 21.98 10.14 4.76
C ASN A 113 21.48 11.26 3.84
N ALA A 114 20.19 11.21 3.54
CA ALA A 114 19.59 12.21 2.68
C ALA A 114 18.14 12.41 3.08
N SER A 115 17.52 13.46 2.58
CA SER A 115 16.11 13.71 2.90
C SER A 115 15.31 12.79 1.99
N PRO A 116 14.03 12.54 2.34
CA PRO A 116 13.22 11.66 1.50
C PRO A 116 13.22 12.12 0.03
N LYS A 117 13.22 13.44 -0.17
CA LYS A 117 13.23 14.00 -1.51
C LYS A 117 14.43 13.51 -2.31
N GLU A 118 15.55 13.33 -1.63
CA GLU A 118 16.79 12.90 -2.27
C GLU A 118 17.00 11.39 -2.40
N LEU A 119 16.36 10.61 -1.55
CA LEU A 119 16.55 9.16 -1.59
C LEU A 119 16.48 8.48 -2.96
N PRO A 120 15.44 8.77 -3.76
CA PRO A 120 15.38 8.12 -5.07
C PRO A 120 16.62 8.36 -5.92
N ASP A 121 17.26 9.51 -5.68
CA ASP A 121 18.47 9.89 -6.41
C ASP A 121 19.67 9.12 -5.88
N LYS A 122 19.61 8.68 -4.63
CA LYS A 122 20.72 7.97 -4.03
C LYS A 122 20.71 6.46 -4.28
N VAL A 123 19.54 5.91 -4.55
CA VAL A 123 19.43 4.48 -4.80
C VAL A 123 19.81 4.16 -6.24
N GLU A 124 20.81 3.30 -6.40
CA GLU A 124 21.24 2.91 -7.75
C GLU A 124 20.73 1.53 -8.12
N ILE A 125 19.78 1.50 -9.06
CA ILE A 125 19.18 0.26 -9.52
C ILE A 125 20.25 -0.61 -10.21
N GLY A 126 20.32 -1.87 -9.82
CA GLY A 126 21.31 -2.77 -10.40
C GLY A 126 22.47 -3.03 -9.47
N LYS A 127 22.86 -2.02 -8.70
CA LYS A 127 23.98 -2.16 -7.78
C LYS A 127 23.52 -2.36 -6.34
N HIS A 128 22.62 -1.49 -5.91
CA HIS A 128 22.11 -1.50 -4.54
C HIS A 128 20.99 -2.45 -4.18
N GLY A 129 21.12 -2.99 -2.96
CA GLY A 129 20.10 -3.82 -2.38
C GLY A 129 19.63 -2.88 -1.28
N LEU A 130 18.45 -3.09 -0.72
CA LEU A 130 17.99 -2.16 0.32
C LEU A 130 17.44 -2.80 1.58
N ILE A 131 17.63 -2.10 2.67
CA ILE A 131 17.13 -2.51 3.96
C ILE A 131 16.41 -1.27 4.49
N VAL A 132 15.13 -1.42 4.80
CA VAL A 132 14.38 -0.31 5.36
C VAL A 132 14.25 -0.66 6.83
N LYS A 133 14.50 0.33 7.70
CA LYS A 133 14.41 0.10 9.14
C LYS A 133 13.63 1.19 9.85
N GLN A 134 12.66 0.80 10.65
CA GLN A 134 11.86 1.75 11.41
C GLN A 134 11.54 1.11 12.75
N GLY A 135 12.42 1.35 13.73
CA GLY A 135 12.24 0.77 15.04
C GLY A 135 12.79 -0.65 15.05
N TYR A 136 11.91 -1.60 15.35
CA TYR A 136 12.30 -3.01 15.39
C TYR A 136 11.81 -3.71 14.13
N CYS A 137 11.35 -2.92 13.16
CA CYS A 137 10.86 -3.46 11.90
C CYS A 137 11.89 -3.26 10.79
N GLN A 138 12.33 -4.37 10.20
CA GLN A 138 13.30 -4.31 9.12
C GLN A 138 12.82 -5.14 7.93
N GLY A 139 13.25 -4.74 6.74
CA GLY A 139 12.87 -5.47 5.54
C GLY A 139 13.97 -5.27 4.52
N LEU A 140 14.22 -6.26 3.69
CA LEU A 140 15.26 -6.09 2.68
C LEU A 140 14.96 -6.83 1.41
N LEU A 141 15.44 -6.25 0.33
CA LEU A 141 15.28 -6.80 -1.00
C LEU A 141 16.68 -6.83 -1.59
N LEU A 142 17.01 -7.96 -2.22
CA LEU A 142 18.32 -8.12 -2.81
C LEU A 142 18.48 -7.24 -4.05
N PRO A 143 19.73 -6.92 -4.40
CA PRO A 143 20.05 -6.07 -5.55
C PRO A 143 19.44 -6.47 -6.89
N GLN A 144 19.32 -7.77 -7.15
CA GLN A 144 18.79 -8.24 -8.43
C GLN A 144 17.29 -8.03 -8.57
N VAL A 145 16.62 -7.75 -7.46
CA VAL A 145 15.19 -7.54 -7.49
C VAL A 145 14.73 -6.39 -8.39
N ALA A 146 15.29 -5.21 -8.19
CA ALA A 146 14.89 -4.03 -8.97
C ALA A 146 15.13 -4.13 -10.48
N PRO A 147 16.38 -4.39 -10.90
CA PRO A 147 16.67 -4.49 -12.34
C PRO A 147 15.94 -5.61 -13.08
N GLU A 148 15.77 -6.75 -12.41
CA GLU A 148 15.11 -7.91 -13.00
C GLU A 148 13.60 -7.76 -13.12
N ASN A 149 13.00 -6.91 -12.29
CA ASN A 149 11.55 -6.76 -12.37
C ASN A 149 11.12 -5.35 -12.75
N ASP A 150 11.99 -4.67 -13.48
CA ASP A 150 11.74 -3.34 -13.99
C ASP A 150 11.20 -2.37 -12.93
N MSE A 151 12.02 -2.14 -11.90
CA MSE A 151 11.67 -1.22 -10.82
C MSE A 151 12.65 -0.06 -10.83
O MSE A 151 13.86 -0.26 -10.94
CB MSE A 151 11.77 -1.88 -9.46
CG MSE A 151 10.78 -2.99 -9.15
SE MSE A 151 11.09 -3.62 -7.32
CE MSE A 151 10.20 -2.22 -6.39
N ASP A 152 12.15 1.16 -10.72
CA ASP A 152 13.04 2.31 -10.65
C ASP A 152 13.31 2.51 -9.16
N SER A 153 13.97 3.61 -8.79
CA SER A 153 14.29 3.88 -7.39
C SER A 153 13.08 4.00 -6.48
N ILE A 154 12.07 4.73 -6.93
CA ILE A 154 10.84 4.93 -6.15
C ILE A 154 10.18 3.58 -5.87
N ASP A 155 10.04 2.75 -6.90
CA ASP A 155 9.42 1.44 -6.73
C ASP A 155 10.19 0.64 -5.69
N PHE A 156 11.50 0.55 -5.87
CA PHE A 156 12.34 -0.21 -4.95
C PHE A 156 12.17 0.22 -3.50
N LEU A 157 12.25 1.53 -3.25
CA LEU A 157 12.08 2.05 -1.89
C LEU A 157 10.72 1.64 -1.32
N SER A 158 9.66 1.80 -2.12
CA SER A 158 8.31 1.45 -1.66
C SER A 158 8.14 -0.06 -1.41
N HIS A 159 8.63 -0.90 -2.32
CA HIS A 159 8.53 -2.35 -2.11
C HIS A 159 9.33 -2.79 -0.88
N THR A 160 10.50 -2.18 -0.65
CA THR A 160 11.29 -2.57 0.51
C THR A 160 10.56 -2.17 1.80
N CYS A 161 9.84 -1.05 1.77
CA CYS A 161 9.10 -0.62 2.95
C CYS A 161 8.03 -1.66 3.28
N MSE A 162 7.33 -2.13 2.26
CA MSE A 162 6.29 -3.12 2.49
C MSE A 162 6.88 -4.44 2.95
O MSE A 162 6.28 -5.15 3.76
CB MSE A 162 5.45 -3.35 1.22
CG MSE A 162 4.27 -4.31 1.44
SE MSE A 162 2.78 -4.03 0.23
CE MSE A 162 3.53 -4.91 -1.33
N LYS A 163 8.07 -4.75 2.44
CA LYS A 163 8.74 -5.99 2.83
C LYS A 163 9.03 -5.93 4.34
N ALA A 164 9.28 -4.73 4.86
CA ALA A 164 9.54 -4.59 6.28
C ALA A 164 8.23 -4.62 7.06
N GLY A 165 7.12 -4.79 6.33
CA GLY A 165 5.80 -4.83 6.95
C GLY A 165 5.27 -3.43 7.19
N LEU A 166 5.91 -2.44 6.57
CA LEU A 166 5.53 -1.04 6.74
C LEU A 166 4.72 -0.50 5.57
N SER A 167 4.24 0.72 5.72
CA SER A 167 3.47 1.38 4.69
C SER A 167 4.43 1.67 3.55
N PRO A 168 3.97 1.51 2.30
CA PRO A 168 4.84 1.77 1.15
C PRO A 168 5.46 3.17 1.19
N ASP A 169 4.73 4.14 1.74
CA ASP A 169 5.23 5.51 1.80
C ASP A 169 6.08 5.82 3.04
N ALA A 170 6.43 4.77 3.79
CA ALA A 170 7.24 4.95 4.99
C ALA A 170 8.55 5.69 4.70
N TRP A 171 9.18 5.37 3.59
CA TRP A 171 10.44 6.04 3.26
C TRP A 171 10.20 7.52 2.99
N VAL A 172 9.00 7.86 2.55
CA VAL A 172 8.70 9.26 2.29
C VAL A 172 8.52 9.97 3.62
N LYS A 173 8.11 9.21 4.64
CA LYS A 173 7.90 9.80 5.96
C LYS A 173 9.12 9.72 6.89
N GLY A 174 10.28 9.44 6.32
CA GLY A 174 11.50 9.40 7.13
C GLY A 174 12.04 8.09 7.62
N ALA A 175 11.45 6.96 7.24
CA ALA A 175 11.98 5.67 7.69
C ALA A 175 13.43 5.58 7.22
N GLU A 176 14.30 4.99 8.04
CA GLU A 176 15.70 4.86 7.68
C GLU A 176 15.90 3.89 6.52
N VAL A 177 16.79 4.25 5.61
CA VAL A 177 17.08 3.40 4.46
C VAL A 177 18.57 3.13 4.42
N TYR A 178 18.93 1.86 4.26
CA TYR A 178 20.32 1.44 4.19
C TYR A 178 20.53 0.73 2.85
N CYS A 179 21.68 0.97 2.23
CA CYS A 179 21.98 0.29 0.99
C CYS A 179 23.18 -0.63 1.18
N PHE A 180 23.27 -1.64 0.34
CA PHE A 180 24.38 -2.58 0.40
C PHE A 180 24.59 -3.14 -0.98
N GLU A 181 25.78 -3.68 -1.20
CA GLU A 181 26.13 -4.26 -2.49
C GLU A 181 26.63 -5.67 -2.22
N GLY A 182 26.99 -6.35 -3.29
CA GLY A 182 27.49 -7.70 -3.13
C GLY A 182 28.51 -8.00 -4.19
N GLN A 183 29.18 -9.13 -4.04
CA GLN A 183 30.18 -9.58 -5.00
C GLN A 183 30.17 -11.09 -4.96
N ILE A 184 30.45 -11.70 -6.11
CA ILE A 184 30.45 -13.15 -6.19
C ILE A 184 31.83 -13.68 -6.54
N PHE A 185 32.28 -14.64 -5.75
CA PHE A 185 33.56 -15.29 -5.98
C PHE A 185 33.20 -16.75 -6.21
N LYS A 186 33.64 -17.30 -7.33
CA LYS A 186 33.31 -18.68 -7.66
C LYS A 186 34.48 -19.47 -8.23
N GLU A 187 34.44 -20.78 -8.00
CA GLU A 187 35.47 -21.71 -8.48
C GLU A 187 35.28 -21.97 -9.98
N LYS A 188 36.35 -21.86 -10.74
CA LYS A 188 36.27 -22.13 -12.16
C LYS A 188 36.41 -23.65 -12.28
N GLU A 189 37.13 -24.21 -11.32
CA GLU A 189 37.36 -25.66 -11.22
C GLU A 189 37.26 -26.08 -9.76
N PRO A 190 36.86 -27.32 -9.50
CA PRO A 190 36.75 -27.77 -8.11
C PRO A 190 38.09 -27.59 -7.40
N ASP A 191 38.07 -26.89 -6.29
CA ASP A 191 39.28 -26.65 -5.51
C ASP A 191 40.36 -25.99 -6.37
N GLY A 192 39.95 -25.39 -7.48
CA GLY A 192 40.89 -24.73 -8.37
C GLY A 192 40.82 -23.22 -8.35
N GLU A 193 40.97 -22.63 -9.53
CA GLU A 193 40.95 -21.18 -9.74
C GLU A 193 39.66 -20.49 -9.31
N VAL A 194 39.78 -19.31 -8.72
CA VAL A 194 38.62 -18.55 -8.25
C VAL A 194 38.44 -17.21 -8.96
N ILE A 195 37.35 -17.08 -9.71
CA ILE A 195 37.05 -15.85 -10.44
C ILE A 195 35.96 -15.05 -9.73
N GLU A 196 35.72 -13.83 -10.19
CA GLU A 196 34.70 -12.97 -9.59
C GLU A 196 33.67 -12.47 -10.59
N GLU A 197 32.40 -12.78 -10.33
CA GLU A 197 31.31 -12.33 -11.19
C GLU A 197 30.92 -10.95 -10.68
N LYS A 198 30.86 -9.98 -11.58
CA LYS A 198 30.52 -8.62 -11.21
C LYS A 198 29.04 -8.29 -11.24
N PHE A 199 28.27 -9.10 -11.96
CA PHE A 199 26.83 -8.87 -12.10
C PHE A 199 25.97 -9.81 -11.28
N LEU A 200 25.26 -9.27 -10.30
CA LEU A 200 24.38 -10.06 -9.47
C LEU A 200 23.04 -10.29 -10.14
N GLU A 201 22.66 -9.38 -11.03
CA GLU A 201 21.39 -9.51 -11.73
C GLU A 201 21.58 -10.20 -13.08
N HIS A 202 20.66 -11.09 -13.43
CA HIS A 202 20.72 -11.80 -14.71
C HIS A 202 20.55 -10.79 -15.84
N HIS A 203 19.47 -10.01 -15.77
CA HIS A 203 19.14 -9.02 -16.77
C HIS A 203 18.70 -7.69 -16.15
N HIS A 204 18.94 -6.61 -16.88
CA HIS A 204 18.61 -5.27 -16.41
C HIS A 204 17.71 -4.55 -17.44
N MSE B 1 -21.72 1.25 25.60
CA MSE B 1 -22.78 2.25 25.27
C MSE B 1 -23.40 2.87 26.54
O MSE B 1 -23.65 2.17 27.52
CB MSE B 1 -23.88 1.58 24.44
CG MSE B 1 -23.41 1.06 23.09
SE MSE B 1 -22.87 2.47 21.89
CE MSE B 1 -24.55 2.78 20.99
N LEU B 2 -23.63 4.17 26.49
CA LEU B 2 -24.21 4.90 27.62
C LEU B 2 -25.72 4.96 27.53
N THR B 3 -26.37 4.97 28.69
CA THR B 3 -27.82 5.05 28.76
C THR B 3 -28.15 6.53 28.55
N GLU B 4 -29.44 6.83 28.42
CA GLU B 4 -29.86 8.21 28.23
C GLU B 4 -29.41 9.07 29.41
N THR B 5 -29.54 8.51 30.61
CA THR B 5 -29.17 9.18 31.84
C THR B 5 -27.68 9.51 31.85
N GLU B 6 -26.87 8.52 31.48
CA GLU B 6 -25.43 8.69 31.43
C GLU B 6 -25.03 9.70 30.35
N GLY B 7 -25.79 9.68 29.25
CA GLY B 7 -25.53 10.59 28.15
C GLY B 7 -25.80 12.01 28.60
N ARG B 8 -26.88 12.20 29.35
CA ARG B 8 -27.25 13.52 29.86
C ARG B 8 -26.17 14.02 30.83
N ALA B 9 -25.69 13.12 31.67
CA ALA B 9 -24.66 13.49 32.63
C ALA B 9 -23.38 13.90 31.90
N ALA B 10 -23.12 13.25 30.77
CA ALA B 10 -21.94 13.57 29.97
C ALA B 10 -21.96 15.03 29.51
N VAL B 11 -23.05 15.46 28.89
CA VAL B 11 -23.12 16.84 28.42
C VAL B 11 -23.13 17.83 29.58
N LYS B 12 -23.88 17.51 30.63
CA LYS B 12 -23.96 18.39 31.78
C LYS B 12 -22.56 18.58 32.38
N LEU B 13 -21.78 17.50 32.42
CA LEU B 13 -20.42 17.55 32.96
C LEU B 13 -19.51 18.45 32.12
N ALA B 14 -19.65 18.35 30.80
CA ALA B 14 -18.85 19.16 29.89
C ALA B 14 -19.21 20.64 30.06
N ARG B 15 -20.51 20.93 30.12
CA ARG B 15 -20.99 22.28 30.27
C ARG B 15 -20.53 22.87 31.61
N LYS B 16 -20.68 22.08 32.67
CA LYS B 16 -20.30 22.49 34.02
C LYS B 16 -18.81 22.79 34.10
N THR B 17 -18.00 21.88 33.58
CA THR B 17 -16.55 22.07 33.62
C THR B 17 -16.12 23.37 32.94
N ILE B 18 -16.72 23.67 31.80
CA ILE B 18 -16.40 24.88 31.07
C ILE B 18 -16.82 26.11 31.87
N GLU B 19 -18.08 26.14 32.28
CA GLU B 19 -18.56 27.28 33.07
C GLU B 19 -17.70 27.46 34.31
N ILE B 20 -17.36 26.37 34.99
CA ILE B 20 -16.51 26.48 36.16
C ILE B 20 -15.14 27.06 35.78
N PHE B 21 -14.55 26.54 34.70
CA PHE B 21 -13.24 27.01 34.27
C PHE B 21 -13.22 28.47 33.77
N LEU B 22 -14.32 28.91 33.17
CA LEU B 22 -14.40 30.29 32.67
C LEU B 22 -14.57 31.30 33.81
N SER B 23 -15.00 30.81 34.97
CA SER B 23 -15.20 31.67 36.13
C SER B 23 -13.97 31.81 37.02
N LYS B 24 -13.45 30.69 37.51
CA LYS B 24 -12.29 30.71 38.38
C LYS B 24 -10.96 30.36 37.71
N GLY B 25 -10.96 30.32 36.37
CA GLY B 25 -9.75 30.00 35.65
C GLY B 25 -9.08 28.70 36.05
N LYS B 26 -9.85 27.82 36.68
CA LYS B 26 -9.32 26.54 37.14
C LYS B 26 -10.38 25.46 36.86
N SER B 27 -9.93 24.24 36.60
CA SER B 27 -10.86 23.15 36.33
C SER B 27 -11.38 22.61 37.66
N PRO B 28 -12.62 22.13 37.68
CA PRO B 28 -13.19 21.60 38.92
C PRO B 28 -12.57 20.26 39.29
N ARG B 29 -12.75 19.86 40.54
CA ARG B 29 -12.23 18.58 41.00
C ARG B 29 -13.11 17.57 40.25
N PRO B 30 -12.50 16.60 39.56
CA PRO B 30 -13.22 15.58 38.80
C PRO B 30 -14.51 15.04 39.43
N ASP B 31 -14.49 14.77 40.73
CA ASP B 31 -15.67 14.23 41.39
C ASP B 31 -16.49 15.28 42.17
N ALA B 32 -16.28 16.55 41.85
CA ALA B 32 -16.99 17.64 42.52
C ALA B 32 -17.38 18.73 41.51
N SER B 33 -18.05 18.31 40.44
CA SER B 33 -18.49 19.23 39.40
C SER B 33 -19.96 19.56 39.62
N GLY B 34 -20.66 18.67 40.31
CA GLY B 34 -22.08 18.88 40.56
C GLY B 34 -22.91 18.09 39.56
N VAL B 35 -22.44 16.91 39.21
CA VAL B 35 -23.13 16.03 38.27
C VAL B 35 -22.92 14.60 38.78
N GLU B 36 -24.00 13.84 38.89
CA GLU B 36 -23.89 12.46 39.35
C GLU B 36 -23.37 11.60 38.22
N LEU B 37 -22.21 10.99 38.43
CA LEU B 37 -21.56 10.16 37.42
C LEU B 37 -21.56 8.70 37.83
N SER B 38 -22.17 7.85 37.00
CA SER B 38 -22.20 6.42 37.27
C SER B 38 -20.80 5.85 37.07
N PRO B 39 -20.59 4.57 37.37
CA PRO B 39 -19.24 4.02 37.18
C PRO B 39 -18.73 3.94 35.75
N VAL B 40 -19.60 4.18 34.77
CA VAL B 40 -19.17 4.13 33.37
C VAL B 40 -18.17 5.24 33.07
N PHE B 41 -18.20 6.31 33.86
CA PHE B 41 -17.29 7.42 33.65
C PHE B 41 -15.89 7.07 34.12
N GLU B 42 -15.73 5.88 34.70
CA GLU B 42 -14.43 5.45 35.15
C GLU B 42 -13.74 4.63 34.07
N GLU B 43 -14.50 4.24 33.05
CA GLU B 43 -13.97 3.46 31.95
C GLU B 43 -13.10 4.26 31.01
N TYR B 44 -12.09 3.60 30.44
CA TYR B 44 -11.20 4.25 29.50
C TYR B 44 -11.82 4.19 28.13
N ARG B 45 -12.13 5.36 27.60
CA ARG B 45 -12.74 5.47 26.27
C ARG B 45 -12.56 6.89 25.73
N GLY B 46 -12.57 7.01 24.41
CA GLY B 46 -12.39 8.31 23.80
C GLY B 46 -13.66 9.13 23.79
N VAL B 47 -13.49 10.45 23.62
CA VAL B 47 -14.63 11.36 23.58
C VAL B 47 -14.26 12.67 22.91
N PHE B 48 -15.28 13.39 22.47
CA PHE B 48 -15.10 14.68 21.83
C PHE B 48 -16.17 15.61 22.39
N VAL B 49 -15.79 16.86 22.64
CA VAL B 49 -16.75 17.83 23.14
C VAL B 49 -16.88 18.90 22.08
N THR B 50 -18.11 19.08 21.59
CA THR B 50 -18.36 20.07 20.55
C THR B 50 -19.23 21.22 21.08
N LEU B 51 -18.88 22.43 20.67
CA LEU B 51 -19.65 23.60 21.07
C LEU B 51 -20.18 24.24 19.79
N THR B 52 -21.45 24.64 19.81
CA THR B 52 -22.04 25.30 18.65
C THR B 52 -22.71 26.57 19.14
N GLU B 53 -22.77 27.58 18.29
CA GLU B 53 -23.39 28.86 18.66
C GLU B 53 -24.05 29.46 17.43
N GLY B 54 -25.36 29.65 17.51
CA GLY B 54 -26.07 30.21 16.37
C GLY B 54 -26.16 29.19 15.25
N GLY B 55 -25.94 27.93 15.61
CA GLY B 55 -25.99 26.88 14.61
C GLY B 55 -24.66 26.63 13.93
N LEU B 56 -23.64 27.40 14.31
CA LEU B 56 -22.31 27.25 13.73
C LEU B 56 -21.34 26.62 14.73
N LEU B 57 -20.30 25.96 14.22
CA LEU B 57 -19.30 25.34 15.08
C LEU B 57 -18.60 26.44 15.87
N ARG B 58 -18.43 26.23 17.17
CA ARG B 58 -17.78 27.22 18.02
C ARG B 58 -16.49 26.70 18.65
N GLY B 59 -16.31 25.38 18.59
CA GLY B 59 -15.12 24.77 19.14
C GLY B 59 -15.30 23.27 19.28
N CYS B 60 -14.21 22.53 19.16
CA CYS B 60 -14.27 21.07 19.30
C CYS B 60 -12.89 20.43 19.45
N ILE B 61 -12.71 19.70 20.54
CA ILE B 61 -11.46 19.01 20.85
C ILE B 61 -11.86 17.66 21.41
N GLY B 62 -10.98 16.67 21.33
CA GLY B 62 -11.31 15.36 21.85
C GLY B 62 -10.17 14.37 21.97
N HIS B 63 -10.47 13.22 22.57
CA HIS B 63 -9.51 12.13 22.74
C HIS B 63 -9.97 10.99 21.85
N PRO B 64 -9.28 10.73 20.73
CA PRO B 64 -9.72 9.63 19.86
C PRO B 64 -9.47 8.26 20.52
N TYR B 65 -8.35 8.15 21.21
CA TYR B 65 -7.99 6.88 21.87
C TYR B 65 -8.48 6.84 23.32
N PRO B 66 -8.63 5.63 23.87
CA PRO B 66 -9.09 5.50 25.25
C PRO B 66 -7.92 5.65 26.21
N ASP B 67 -7.12 6.69 26.00
CA ASP B 67 -5.96 6.98 26.82
C ASP B 67 -6.33 7.47 28.22
N SER B 68 -7.56 7.93 28.40
CA SER B 68 -8.00 8.43 29.70
C SER B 68 -9.38 7.93 30.06
N THR B 69 -9.73 8.05 31.33
CA THR B 69 -11.04 7.63 31.78
C THR B 69 -12.01 8.61 31.12
N LEU B 70 -13.26 8.20 30.96
CA LEU B 70 -14.27 9.05 30.35
C LEU B 70 -14.38 10.37 31.09
N LYS B 71 -14.30 10.30 32.41
CA LYS B 71 -14.39 11.48 33.27
C LYS B 71 -13.30 12.49 32.94
N GLU B 72 -12.05 12.03 32.99
CA GLU B 72 -10.89 12.89 32.72
C GLU B 72 -10.91 13.49 31.33
N ALA B 73 -11.22 12.66 30.34
CA ALA B 73 -11.24 13.07 28.94
C ALA B 73 -12.29 14.14 28.66
N ILE B 74 -13.44 14.04 29.32
CA ILE B 74 -14.50 15.02 29.14
C ILE B 74 -14.05 16.36 29.70
N LEU B 75 -13.47 16.32 30.91
CA LEU B 75 -12.98 17.51 31.56
C LEU B 75 -11.98 18.22 30.66
N ASP B 76 -10.93 17.49 30.30
CA ASP B 76 -9.89 18.03 29.43
C ASP B 76 -10.39 18.50 28.06
N SER B 77 -11.23 17.69 27.40
CA SER B 77 -11.75 18.04 26.06
C SER B 77 -12.67 19.26 26.08
N ALA B 78 -13.54 19.32 27.08
CA ALA B 78 -14.46 20.41 27.24
C ALA B 78 -13.70 21.72 27.44
N ILE B 79 -12.75 21.74 28.38
CA ILE B 79 -12.00 22.98 28.59
C ILE B 79 -11.19 23.32 27.35
N SER B 80 -10.67 22.30 26.67
CA SER B 80 -9.90 22.55 25.45
C SER B 80 -10.81 23.07 24.33
N ALA B 81 -12.03 22.55 24.25
CA ALA B 81 -12.96 22.98 23.22
C ALA B 81 -13.30 24.47 23.32
N ALA B 82 -13.37 24.97 24.55
CA ALA B 82 -13.73 26.37 24.77
C ALA B 82 -12.55 27.33 24.85
N THR B 83 -11.34 26.80 25.03
CA THR B 83 -10.19 27.69 25.17
C THR B 83 -8.96 27.31 24.36
N ARG B 84 -8.94 26.11 23.80
CA ARG B 84 -7.76 25.67 23.04
C ARG B 84 -7.95 25.32 21.57
N ASP B 85 -9.07 25.70 20.98
CA ASP B 85 -9.30 25.38 19.56
C ASP B 85 -8.76 26.59 18.80
N PRO B 86 -7.60 26.45 18.15
CA PRO B 86 -6.99 27.54 17.38
C PRO B 86 -7.84 28.14 16.26
N ARG B 87 -8.91 27.43 15.89
CA ARG B 87 -9.80 27.91 14.83
C ARG B 87 -10.80 28.96 15.34
N PHE B 88 -10.89 29.12 16.66
CA PHE B 88 -11.84 30.07 17.23
C PHE B 88 -11.26 30.83 18.41
N PRO B 89 -11.83 32.02 18.69
CA PRO B 89 -11.31 32.78 19.84
C PRO B 89 -11.86 32.09 21.07
N THR B 90 -11.19 32.26 22.20
CA THR B 90 -11.64 31.64 23.44
C THR B 90 -13.08 32.09 23.73
N VAL B 91 -13.87 31.20 24.32
CA VAL B 91 -15.24 31.53 24.64
C VAL B 91 -15.27 32.32 25.95
N GLU B 92 -16.13 33.35 26.00
CA GLU B 92 -16.28 34.17 27.20
C GLU B 92 -17.35 33.54 28.09
N GLN B 93 -17.37 33.92 29.36
CA GLN B 93 -18.36 33.37 30.30
C GLN B 93 -19.81 33.53 29.86
N ASP B 94 -20.20 34.76 29.56
CA ASP B 94 -21.57 35.03 29.14
C ASP B 94 -21.98 34.39 27.83
N GLU B 95 -21.02 33.82 27.10
CA GLU B 95 -21.33 33.18 25.83
C GLU B 95 -21.98 31.81 26.02
N MSE B 96 -21.60 31.11 27.09
CA MSE B 96 -22.14 29.77 27.33
C MSE B 96 -23.67 29.68 27.41
O MSE B 96 -24.24 28.64 27.10
CB MSE B 96 -21.51 29.15 28.57
CG MSE B 96 -20.06 28.72 28.37
SE MSE B 96 -19.83 27.40 26.93
CE MSE B 96 -20.46 25.82 27.86
N LYS B 97 -24.34 30.77 27.79
CA LYS B 97 -25.80 30.74 27.88
C LYS B 97 -26.39 30.67 26.48
N ASN B 98 -25.55 30.92 25.48
CA ASN B 98 -26.00 30.89 24.10
C ASN B 98 -25.31 29.79 23.30
N ILE B 99 -24.48 29.02 23.98
CA ILE B 99 -23.75 27.94 23.34
C ILE B 99 -24.40 26.60 23.62
N LEU B 100 -24.38 25.72 22.62
CA LEU B 100 -24.94 24.38 22.75
C LEU B 100 -23.79 23.39 22.86
N VAL B 101 -23.89 22.47 23.81
CA VAL B 101 -22.86 21.48 24.04
C VAL B 101 -23.19 20.12 23.42
N GLU B 102 -22.18 19.48 22.86
CA GLU B 102 -22.34 18.16 22.23
C GLU B 102 -21.23 17.26 22.77
N VAL B 103 -21.58 16.02 23.12
CA VAL B 103 -20.57 15.08 23.61
C VAL B 103 -20.66 13.78 22.82
N THR B 104 -19.58 13.45 22.12
CA THR B 104 -19.53 12.23 21.34
C THR B 104 -18.73 11.21 22.15
N ILE B 105 -19.40 10.16 22.60
CA ILE B 105 -18.73 9.15 23.41
C ILE B 105 -18.41 7.87 22.64
N LEU B 106 -17.15 7.45 22.69
CA LEU B 106 -16.70 6.24 22.01
C LEU B 106 -16.69 5.08 23.00
N THR B 107 -17.01 3.88 22.53
CA THR B 107 -17.01 2.70 23.39
C THR B 107 -15.58 2.20 23.62
N GLN B 108 -15.41 1.33 24.61
CA GLN B 108 -14.09 0.78 24.90
C GLN B 108 -13.74 -0.13 23.73
N PRO B 109 -12.57 0.10 23.12
CA PRO B 109 -12.15 -0.74 21.98
C PRO B 109 -12.06 -2.21 22.37
N GLU B 110 -12.68 -3.08 21.58
CA GLU B 110 -12.61 -4.50 21.85
C GLU B 110 -12.03 -5.24 20.66
N LYS B 111 -11.02 -6.06 20.94
CA LYS B 111 -10.34 -6.84 19.91
C LYS B 111 -11.28 -7.76 19.15
N ILE B 112 -11.28 -7.64 17.84
CA ILE B 112 -12.11 -8.50 17.01
C ILE B 112 -11.39 -9.83 17.03
N ASN B 113 -12.04 -10.86 17.57
CA ASN B 113 -11.43 -12.17 17.68
C ASN B 113 -11.81 -13.10 16.53
N ALA B 114 -11.32 -12.79 15.34
CA ALA B 114 -11.60 -13.61 14.16
C ALA B 114 -10.32 -13.85 13.39
N SER B 115 -10.38 -14.75 12.40
CA SER B 115 -9.21 -15.05 11.57
C SER B 115 -9.18 -14.02 10.46
N PRO B 116 -7.99 -13.75 9.91
CA PRO B 116 -7.82 -12.79 8.82
C PRO B 116 -8.92 -12.82 7.75
N LYS B 117 -9.31 -14.02 7.34
CA LYS B 117 -10.34 -14.18 6.32
C LYS B 117 -11.75 -13.91 6.83
N GLU B 118 -11.89 -13.71 8.14
CA GLU B 118 -13.20 -13.45 8.72
C GLU B 118 -13.41 -11.97 9.05
N LEU B 119 -12.31 -11.25 9.22
CA LEU B 119 -12.36 -9.84 9.58
C LEU B 119 -13.33 -8.93 8.83
N PRO B 120 -13.28 -8.94 7.48
CA PRO B 120 -14.20 -8.07 6.74
C PRO B 120 -15.67 -8.21 7.18
N ASP B 121 -16.12 -9.44 7.37
CA ASP B 121 -17.49 -9.69 7.79
C ASP B 121 -17.78 -9.23 9.22
N LYS B 122 -16.74 -9.07 10.03
CA LYS B 122 -16.95 -8.63 11.42
C LYS B 122 -16.87 -7.11 11.58
N VAL B 123 -16.43 -6.42 10.53
CA VAL B 123 -16.34 -4.98 10.55
C VAL B 123 -17.59 -4.40 9.90
N GLU B 124 -18.38 -3.66 10.67
CA GLU B 124 -19.61 -3.08 10.15
C GLU B 124 -19.47 -1.61 9.76
N ILE B 125 -19.61 -1.34 8.46
CA ILE B 125 -19.49 0.01 7.94
C ILE B 125 -20.68 0.87 8.37
N GLY B 126 -20.38 1.99 9.02
CA GLY B 126 -21.43 2.88 9.48
C GLY B 126 -21.64 2.76 10.98
N LYS B 127 -21.09 1.71 11.55
CA LYS B 127 -21.20 1.46 12.99
C LYS B 127 -19.83 1.46 13.63
N HIS B 128 -18.93 0.70 13.02
CA HIS B 128 -17.59 0.55 13.56
C HIS B 128 -16.49 1.56 13.21
N GLY B 129 -15.63 1.77 14.21
CA GLY B 129 -14.46 2.61 14.07
C GLY B 129 -13.39 1.53 14.27
N LEU B 130 -12.15 1.78 13.86
CA LEU B 130 -11.13 0.75 14.00
C LEU B 130 -9.78 1.21 14.52
N ILE B 131 -9.10 0.30 15.20
CA ILE B 131 -7.77 0.56 15.70
C ILE B 131 -6.94 -0.63 15.27
N VAL B 132 -5.82 -0.36 14.61
CA VAL B 132 -4.94 -1.43 14.20
C VAL B 132 -3.69 -1.25 15.02
N LYS B 133 -3.27 -2.34 15.64
CA LYS B 133 -2.10 -2.33 16.47
C LYS B 133 -1.25 -3.55 16.17
N GLN B 134 0.02 -3.31 15.87
CA GLN B 134 0.94 -4.40 15.59
C GLN B 134 2.27 -4.00 16.22
N GLY B 135 2.69 -4.76 17.22
CA GLY B 135 3.93 -4.43 17.89
C GLY B 135 3.75 -3.11 18.58
N TYR B 136 4.54 -2.12 18.17
CA TYR B 136 4.47 -0.80 18.77
C TYR B 136 3.85 0.22 17.82
N CYS B 137 3.30 -0.27 16.71
CA CYS B 137 2.65 0.59 15.71
C CYS B 137 1.15 0.61 15.98
N GLN B 138 0.56 1.80 16.04
CA GLN B 138 -0.87 1.92 16.30
C GLN B 138 -1.54 3.00 15.44
N GLY B 139 -2.76 2.73 14.96
CA GLY B 139 -3.45 3.70 14.14
C GLY B 139 -4.96 3.56 14.21
N LEU B 140 -5.69 4.65 14.00
CA LEU B 140 -7.14 4.57 14.03
C LEU B 140 -7.87 5.53 13.11
N LEU B 141 -9.08 5.12 12.74
CA LEU B 141 -9.94 5.90 11.88
C LEU B 141 -11.33 5.89 12.52
N LEU B 142 -11.92 7.06 12.67
CA LEU B 142 -13.23 7.17 13.30
C LEU B 142 -14.27 6.47 12.46
N PRO B 143 -15.41 6.09 13.07
CA PRO B 143 -16.51 5.40 12.38
C PRO B 143 -17.04 6.07 11.11
N GLN B 144 -17.13 7.40 11.11
CA GLN B 144 -17.68 8.13 9.96
C GLN B 144 -16.83 8.05 8.70
N VAL B 145 -15.54 7.76 8.86
CA VAL B 145 -14.66 7.69 7.71
C VAL B 145 -15.11 6.74 6.59
N ALA B 146 -15.36 5.49 6.94
CA ALA B 146 -15.76 4.49 5.94
C ALA B 146 -17.05 4.79 5.16
N PRO B 147 -18.16 5.06 5.86
CA PRO B 147 -19.43 5.35 5.17
C PRO B 147 -19.43 6.64 4.39
N GLU B 148 -18.80 7.68 4.93
CA GLU B 148 -18.75 8.98 4.25
C GLU B 148 -17.81 8.98 3.06
N ASN B 149 -16.92 7.99 2.97
CA ASN B 149 -15.98 7.97 1.86
C ASN B 149 -16.06 6.70 1.03
N ASP B 150 -17.24 6.11 1.05
CA ASP B 150 -17.54 4.92 0.27
C ASP B 150 -16.51 3.80 0.35
N MSE B 151 -16.17 3.39 1.57
CA MSE B 151 -15.21 2.31 1.78
C MSE B 151 -15.96 1.06 2.29
O MSE B 151 -16.85 1.21 3.14
CB MSE B 151 -14.18 2.70 2.83
CG MSE B 151 -13.25 3.85 2.48
SE MSE B 151 -12.15 4.15 4.04
CE MSE B 151 -10.99 2.60 3.87
N ASP B 152 -15.64 -0.12 1.79
CA ASP B 152 -16.28 -1.35 2.29
C ASP B 152 -15.41 -1.80 3.44
N SER B 153 -15.69 -2.98 3.99
CA SER B 153 -14.91 -3.48 5.11
C SER B 153 -13.46 -3.73 4.78
N ILE B 154 -13.21 -4.28 3.60
CA ILE B 154 -11.85 -4.56 3.16
C ILE B 154 -11.06 -3.26 3.05
N ASP B 155 -11.68 -2.23 2.50
CA ASP B 155 -11.01 -0.95 2.36
C ASP B 155 -10.66 -0.38 3.72
N PHE B 156 -11.63 -0.39 4.62
CA PHE B 156 -11.45 0.17 5.96
C PHE B 156 -10.30 -0.47 6.73
N LEU B 157 -10.22 -1.79 6.68
CA LEU B 157 -9.15 -2.51 7.36
C LEU B 157 -7.82 -2.07 6.78
N SER B 158 -7.73 -2.03 5.44
CA SER B 158 -6.50 -1.63 4.77
C SER B 158 -6.07 -0.19 5.07
N HIS B 159 -7.00 0.76 5.02
CA HIS B 159 -6.61 2.14 5.32
C HIS B 159 -6.18 2.30 6.78
N THR B 160 -6.88 1.64 7.69
CA THR B 160 -6.50 1.74 9.09
C THR B 160 -5.09 1.16 9.29
N CYS B 161 -4.76 0.10 8.56
CA CYS B 161 -3.43 -0.47 8.68
C CYS B 161 -2.40 0.57 8.26
N MSE B 162 -2.61 1.22 7.11
CA MSE B 162 -1.67 2.23 6.66
C MSE B 162 -1.65 3.42 7.60
O MSE B 162 -0.63 4.09 7.74
CB MSE B 162 -1.99 2.69 5.24
CG MSE B 162 -0.95 3.66 4.69
SE MSE B 162 -0.93 3.79 2.77
CE MSE B 162 -2.30 5.17 2.54
N LYS B 163 -2.78 3.70 8.24
CA LYS B 163 -2.85 4.81 9.19
C LYS B 163 -1.91 4.53 10.34
N ALA B 164 -1.83 3.25 10.71
CA ALA B 164 -0.95 2.81 11.80
C ALA B 164 0.50 2.82 11.36
N GLY B 165 0.73 3.04 10.07
CA GLY B 165 2.08 3.07 9.55
C GLY B 165 2.52 1.69 9.05
N LEU B 166 1.57 0.78 8.94
CA LEU B 166 1.85 -0.57 8.48
C LEU B 166 1.44 -0.76 7.03
N SER B 167 1.76 -1.94 6.52
CA SER B 167 1.42 -2.29 5.15
C SER B 167 -0.09 -2.48 5.11
N PRO B 168 -0.73 -2.04 4.02
CA PRO B 168 -2.18 -2.18 3.87
C PRO B 168 -2.66 -3.60 4.15
N ASP B 169 -1.86 -4.59 3.76
CA ASP B 169 -2.24 -6.00 3.96
C ASP B 169 -1.88 -6.58 5.33
N ALA B 170 -1.39 -5.75 6.24
CA ALA B 170 -1.03 -6.21 7.58
C ALA B 170 -2.18 -6.97 8.26
N TRP B 171 -3.42 -6.56 8.01
CA TRP B 171 -4.53 -7.26 8.66
C TRP B 171 -4.67 -8.67 8.09
N VAL B 172 -4.32 -8.82 6.82
CA VAL B 172 -4.40 -10.11 6.16
C VAL B 172 -3.38 -11.06 6.78
N LYS B 173 -2.30 -10.51 7.35
CA LYS B 173 -1.25 -11.30 7.96
C LYS B 173 -1.36 -11.44 9.47
N GLY B 174 -2.52 -11.08 10.03
CA GLY B 174 -2.72 -11.24 11.46
C GLY B 174 -2.56 -10.03 12.37
N ALA B 175 -2.45 -8.83 11.81
CA ALA B 175 -2.31 -7.63 12.64
C ALA B 175 -3.52 -7.54 13.58
N GLU B 176 -3.29 -7.15 14.83
CA GLU B 176 -4.38 -7.02 15.79
C GLU B 176 -5.36 -5.93 15.38
N VAL B 177 -6.64 -6.27 15.32
CA VAL B 177 -7.67 -5.29 14.94
C VAL B 177 -8.71 -5.14 16.03
N TYR B 178 -8.95 -3.90 16.43
CA TYR B 178 -9.93 -3.60 17.46
C TYR B 178 -11.03 -2.72 16.86
N CYS B 179 -12.26 -2.89 17.34
CA CYS B 179 -13.36 -2.07 16.85
C CYS B 179 -14.04 -1.34 18.00
N PHE B 180 -14.66 -0.21 17.69
CA PHE B 180 -15.35 0.58 18.69
C PHE B 180 -16.50 1.34 18.04
N GLU B 181 -17.43 1.82 18.86
CA GLU B 181 -18.57 2.56 18.35
C GLU B 181 -18.63 3.93 19.01
N GLY B 182 -19.64 4.70 18.64
CA GLY B 182 -19.80 6.01 19.22
C GLY B 182 -21.26 6.39 19.29
N GLN B 183 -21.55 7.42 20.06
CA GLN B 183 -22.90 7.95 20.20
C GLN B 183 -22.73 9.42 20.51
N ILE B 184 -23.74 10.20 20.14
CA ILE B 184 -23.66 11.64 20.37
C ILE B 184 -24.84 12.12 21.18
N PHE B 185 -24.57 12.84 22.25
CA PHE B 185 -25.63 13.41 23.06
C PHE B 185 -25.42 14.91 22.91
N LYS B 186 -26.50 15.64 22.69
CA LYS B 186 -26.37 17.07 22.49
C LYS B 186 -27.52 17.87 23.08
N GLU B 187 -27.23 19.10 23.48
CA GLU B 187 -28.25 19.96 24.05
C GLU B 187 -29.19 20.44 22.95
N LYS B 188 -30.48 20.44 23.26
CA LYS B 188 -31.48 20.92 22.31
C LYS B 188 -31.55 22.44 22.50
N GLU B 189 -31.28 22.87 23.73
CA GLU B 189 -31.25 24.29 24.09
C GLU B 189 -30.20 24.45 25.20
N PRO B 190 -29.62 25.64 25.34
CA PRO B 190 -28.60 25.81 26.39
C PRO B 190 -29.05 25.30 27.76
N ASP B 191 -28.30 24.33 28.29
CA ASP B 191 -28.59 23.75 29.58
C ASP B 191 -29.97 23.12 29.62
N GLY B 192 -30.49 22.81 28.43
CA GLY B 192 -31.82 22.22 28.35
C GLY B 192 -31.85 20.72 28.14
N GLU B 193 -32.87 20.28 27.41
CA GLU B 193 -33.08 18.87 27.11
C GLU B 193 -31.91 18.30 26.31
N VAL B 194 -31.60 17.03 26.55
CA VAL B 194 -30.52 16.38 25.83
C VAL B 194 -31.11 15.32 24.89
N ILE B 195 -30.68 15.36 23.63
CA ILE B 195 -31.14 14.43 22.62
C ILE B 195 -29.97 13.55 22.17
N GLU B 196 -30.28 12.35 21.67
CA GLU B 196 -29.24 11.43 21.22
C GLU B 196 -29.25 11.21 19.71
N GLU B 197 -28.08 11.40 19.09
CA GLU B 197 -27.90 11.21 17.65
C GLU B 197 -27.19 9.87 17.47
N LYS B 198 -27.91 8.88 16.94
CA LYS B 198 -27.36 7.54 16.74
C LYS B 198 -26.26 7.47 15.68
N PHE B 199 -26.40 8.29 14.65
CA PHE B 199 -25.46 8.29 13.53
C PHE B 199 -24.29 9.26 13.62
N LEU B 200 -23.07 8.72 13.63
CA LEU B 200 -21.89 9.58 13.68
C LEU B 200 -21.54 10.09 12.29
N GLU B 201 -22.00 9.39 11.26
CA GLU B 201 -21.70 9.83 9.91
C GLU B 201 -22.82 10.63 9.28
N HIS B 202 -22.47 11.59 8.44
CA HIS B 202 -23.44 12.44 7.76
C HIS B 202 -24.18 11.63 6.70
N HIS B 203 -23.41 10.92 5.87
CA HIS B 203 -23.97 10.13 4.79
C HIS B 203 -23.31 8.76 4.71
N HIS B 204 -24.01 7.80 4.11
CA HIS B 204 -23.52 6.43 3.97
C HIS B 204 -23.91 5.90 2.59
N MSE C 1 -16.16 29.63 -5.02
CA MSE C 1 -16.97 29.64 -3.77
C MSE C 1 -18.22 30.51 -3.92
O MSE C 1 -18.14 31.63 -4.41
CB MSE C 1 -16.11 30.14 -2.60
CG MSE C 1 -14.97 29.18 -2.18
SE MSE C 1 -15.43 27.87 -0.80
CE MSE C 1 -15.14 28.98 0.77
N LEU C 2 -19.36 29.97 -3.51
CA LEU C 2 -20.63 30.69 -3.62
C LEU C 2 -20.75 31.86 -2.66
N THR C 3 -21.45 32.89 -3.11
CA THR C 3 -21.69 34.08 -2.31
C THR C 3 -22.89 33.77 -1.42
N GLU C 4 -23.21 34.64 -0.47
CA GLU C 4 -24.34 34.44 0.42
C GLU C 4 -25.61 34.27 -0.40
N THR C 5 -25.74 35.07 -1.44
CA THR C 5 -26.90 35.06 -2.32
C THR C 5 -27.07 33.71 -3.01
N GLU C 6 -26.00 33.21 -3.60
CA GLU C 6 -26.04 31.94 -4.29
C GLU C 6 -26.25 30.81 -3.29
N GLY C 7 -25.59 30.90 -2.14
CA GLY C 7 -25.75 29.87 -1.13
C GLY C 7 -27.20 29.80 -0.70
N ARG C 8 -27.85 30.95 -0.61
CA ARG C 8 -29.25 31.00 -0.23
C ARG C 8 -30.09 30.37 -1.33
N ALA C 9 -29.76 30.66 -2.56
CA ALA C 9 -30.47 30.11 -3.69
C ALA C 9 -30.36 28.58 -3.69
N ALA C 10 -29.18 28.09 -3.30
CA ALA C 10 -28.94 26.65 -3.27
C ALA C 10 -29.84 25.93 -2.28
N VAL C 11 -29.94 26.44 -1.04
CA VAL C 11 -30.77 25.79 -0.05
C VAL C 11 -32.23 25.85 -0.45
N LYS C 12 -32.64 27.00 -1.00
CA LYS C 12 -34.03 27.17 -1.44
C LYS C 12 -34.39 26.10 -2.48
N LEU C 13 -33.51 25.93 -3.46
CA LEU C 13 -33.71 24.94 -4.52
C LEU C 13 -33.91 23.55 -3.91
N ALA C 14 -33.08 23.23 -2.91
CA ALA C 14 -33.17 21.94 -2.25
C ALA C 14 -34.55 21.75 -1.63
N ARG C 15 -34.99 22.71 -0.83
CA ARG C 15 -36.30 22.62 -0.19
C ARG C 15 -37.42 22.45 -1.22
N LYS C 16 -37.50 23.39 -2.16
CA LYS C 16 -38.52 23.37 -3.22
C LYS C 16 -38.59 22.06 -3.97
N THR C 17 -37.42 21.57 -4.41
CA THR C 17 -37.34 20.32 -5.14
C THR C 17 -37.97 19.18 -4.33
N ILE C 18 -37.64 19.13 -3.04
CA ILE C 18 -38.17 18.09 -2.18
C ILE C 18 -39.66 18.25 -1.95
N GLU C 19 -40.09 19.48 -1.69
CA GLU C 19 -41.49 19.75 -1.43
C GLU C 19 -42.34 19.46 -2.65
N ILE C 20 -41.80 19.72 -3.84
CA ILE C 20 -42.51 19.46 -5.08
C ILE C 20 -42.63 17.95 -5.32
N PHE C 21 -41.52 17.24 -5.19
CA PHE C 21 -41.51 15.79 -5.41
C PHE C 21 -42.41 15.09 -4.41
N LEU C 22 -42.40 15.59 -3.17
CA LEU C 22 -43.21 15.01 -2.11
C LEU C 22 -44.68 15.33 -2.38
N SER C 23 -44.92 16.48 -3.00
CA SER C 23 -46.28 16.91 -3.30
C SER C 23 -46.94 15.97 -4.29
N LYS C 24 -46.27 15.73 -5.40
CA LYS C 24 -46.79 14.84 -6.43
C LYS C 24 -45.98 13.54 -6.50
N GLY C 25 -44.97 13.51 -7.35
CA GLY C 25 -44.15 12.32 -7.48
C GLY C 25 -43.28 12.43 -8.70
N LYS C 26 -43.28 13.62 -9.29
CA LYS C 26 -42.49 13.89 -10.48
C LYS C 26 -41.47 14.97 -10.13
N SER C 27 -40.20 14.68 -10.37
CA SER C 27 -39.15 15.64 -10.08
C SER C 27 -39.34 16.87 -10.94
N PRO C 28 -39.45 18.05 -10.32
CA PRO C 28 -39.63 19.27 -11.12
C PRO C 28 -38.42 19.51 -12.00
N ARG C 29 -38.56 20.44 -12.94
CA ARG C 29 -37.46 20.77 -13.83
C ARG C 29 -36.51 21.65 -13.00
N PRO C 30 -35.19 21.40 -13.10
CA PRO C 30 -34.20 22.18 -12.35
C PRO C 30 -34.36 23.70 -12.45
N ASP C 31 -34.33 24.21 -13.68
CA ASP C 31 -34.47 25.64 -13.92
C ASP C 31 -35.91 26.11 -13.68
N ALA C 32 -36.85 25.15 -13.72
CA ALA C 32 -38.26 25.46 -13.51
C ALA C 32 -38.67 25.10 -12.09
N SER C 33 -37.96 25.66 -11.12
CA SER C 33 -38.25 25.42 -9.71
C SER C 33 -38.91 26.67 -9.12
N GLY C 34 -38.71 27.80 -9.79
CA GLY C 34 -39.28 29.05 -9.32
C GLY C 34 -38.20 29.82 -8.59
N VAL C 35 -37.06 29.17 -8.38
CA VAL C 35 -35.94 29.79 -7.69
C VAL C 35 -34.97 30.36 -8.72
N GLU C 36 -34.47 31.57 -8.46
CA GLU C 36 -33.52 32.23 -9.36
C GLU C 36 -32.12 31.65 -9.15
N LEU C 37 -31.46 31.26 -10.24
CA LEU C 37 -30.13 30.66 -10.17
C LEU C 37 -29.07 31.35 -11.03
N SER C 38 -28.06 31.91 -10.39
CA SER C 38 -26.98 32.58 -11.11
C SER C 38 -26.22 31.54 -11.95
N PRO C 39 -25.28 32.00 -12.79
CA PRO C 39 -24.52 31.05 -13.60
C PRO C 39 -23.65 30.06 -12.84
N VAL C 40 -23.40 30.33 -11.56
CA VAL C 40 -22.59 29.44 -10.74
C VAL C 40 -23.23 28.07 -10.67
N PHE C 41 -24.55 28.02 -10.84
CA PHE C 41 -25.25 26.75 -10.77
C PHE C 41 -25.08 25.86 -12.00
N GLU C 42 -24.50 26.42 -13.05
CA GLU C 42 -24.23 25.65 -14.26
C GLU C 42 -22.84 25.02 -14.18
N GLU C 43 -22.14 25.27 -13.08
CA GLU C 43 -20.81 24.72 -12.90
C GLU C 43 -20.88 23.28 -12.40
N TYR C 44 -19.94 22.46 -12.82
CA TYR C 44 -19.90 21.08 -12.39
C TYR C 44 -19.20 21.00 -11.06
N ARG C 45 -19.94 20.63 -10.03
CA ARG C 45 -19.35 20.51 -8.71
C ARG C 45 -20.10 19.50 -7.85
N GLY C 46 -19.40 18.92 -6.88
CA GLY C 46 -20.05 17.94 -6.02
C GLY C 46 -20.88 18.66 -4.98
N VAL C 47 -21.89 17.96 -4.44
CA VAL C 47 -22.76 18.52 -3.41
C VAL C 47 -23.39 17.44 -2.54
N PHE C 48 -23.87 17.85 -1.37
CA PHE C 48 -24.56 16.95 -0.48
C PHE C 48 -25.75 17.74 0.05
N VAL C 49 -26.88 17.08 0.22
CA VAL C 49 -28.06 17.73 0.77
C VAL C 49 -28.35 17.02 2.07
N THR C 50 -28.39 17.77 3.16
CA THR C 50 -28.64 17.20 4.46
C THR C 50 -29.93 17.74 5.05
N LEU C 51 -30.69 16.85 5.67
CA LEU C 51 -31.94 17.24 6.31
C LEU C 51 -31.83 16.89 7.78
N THR C 52 -32.31 17.77 8.64
CA THR C 52 -32.32 17.50 10.08
C THR C 52 -33.73 17.80 10.58
N GLU C 53 -34.11 17.17 11.69
CA GLU C 53 -35.41 17.38 12.30
C GLU C 53 -35.23 17.30 13.81
N GLY C 54 -35.51 18.42 14.49
CA GLY C 54 -35.37 18.44 15.93
C GLY C 54 -33.92 18.28 16.38
N GLY C 55 -33.00 18.82 15.60
CA GLY C 55 -31.58 18.72 15.91
C GLY C 55 -30.94 17.39 15.55
N LEU C 56 -31.76 16.46 15.05
CA LEU C 56 -31.29 15.13 14.68
C LEU C 56 -31.25 14.92 13.17
N LEU C 57 -30.32 14.09 12.70
CA LEU C 57 -30.19 13.81 11.27
C LEU C 57 -31.47 13.12 10.78
N ARG C 58 -32.03 13.63 9.67
CA ARG C 58 -33.24 13.04 9.12
C ARG C 58 -32.96 12.42 7.76
N GLY C 59 -31.84 12.78 7.17
CA GLY C 59 -31.50 12.25 5.86
C GLY C 59 -30.38 13.03 5.21
N CYS C 60 -29.61 12.35 4.37
CA CYS C 60 -28.51 12.99 3.68
C CYS C 60 -27.95 12.14 2.56
N ILE C 61 -27.89 12.71 1.37
CA ILE C 61 -27.37 12.04 0.20
C ILE C 61 -26.60 13.08 -0.58
N GLY C 62 -25.57 12.66 -1.31
CA GLY C 62 -24.79 13.59 -2.10
C GLY C 62 -23.95 12.92 -3.18
N HIS C 63 -23.33 13.75 -4.01
CA HIS C 63 -22.44 13.28 -5.10
C HIS C 63 -21.15 14.08 -4.90
N PRO C 64 -20.12 13.45 -4.32
CA PRO C 64 -18.86 14.18 -4.11
C PRO C 64 -18.09 14.58 -5.38
N TYR C 65 -18.24 13.78 -6.43
CA TYR C 65 -17.56 14.07 -7.70
C TYR C 65 -18.30 15.15 -8.49
N PRO C 66 -17.57 15.99 -9.22
CA PRO C 66 -18.17 17.05 -10.03
C PRO C 66 -18.67 16.50 -11.37
N ASP C 67 -19.58 15.53 -11.34
CA ASP C 67 -20.07 14.96 -12.59
C ASP C 67 -21.37 15.56 -13.15
N SER C 68 -22.02 16.41 -12.37
CA SER C 68 -23.26 17.05 -12.81
C SER C 68 -23.17 18.53 -12.46
N THR C 69 -23.99 19.37 -13.11
CA THR C 69 -23.97 20.78 -12.80
C THR C 69 -24.46 20.91 -11.35
N LEU C 70 -24.11 22.01 -10.70
CA LEU C 70 -24.54 22.24 -9.31
C LEU C 70 -26.05 22.08 -9.22
N LYS C 71 -26.75 22.73 -10.15
CA LYS C 71 -28.20 22.71 -10.24
C LYS C 71 -28.77 21.29 -10.24
N GLU C 72 -28.26 20.43 -11.12
CA GLU C 72 -28.75 19.05 -11.21
C GLU C 72 -28.33 18.22 -10.00
N ALA C 73 -27.12 18.43 -9.52
CA ALA C 73 -26.61 17.68 -8.36
C ALA C 73 -27.45 17.94 -7.11
N ILE C 74 -27.83 19.21 -6.91
CA ILE C 74 -28.66 19.58 -5.77
C ILE C 74 -30.02 18.89 -5.89
N LEU C 75 -30.61 19.02 -7.07
CA LEU C 75 -31.91 18.44 -7.40
C LEU C 75 -31.98 16.95 -7.00
N ASP C 76 -31.11 16.17 -7.61
CA ASP C 76 -31.06 14.74 -7.33
C ASP C 76 -30.77 14.41 -5.87
N SER C 77 -29.73 15.04 -5.32
CA SER C 77 -29.32 14.82 -3.92
C SER C 77 -30.42 15.15 -2.92
N ALA C 78 -31.17 16.21 -3.18
CA ALA C 78 -32.24 16.64 -2.28
C ALA C 78 -33.36 15.61 -2.21
N ILE C 79 -33.89 15.18 -3.36
CA ILE C 79 -34.97 14.20 -3.37
C ILE C 79 -34.51 12.86 -2.77
N SER C 80 -33.26 12.50 -3.01
CA SER C 80 -32.70 11.25 -2.49
C SER C 80 -32.49 11.32 -0.98
N ALA C 81 -32.07 12.48 -0.48
CA ALA C 81 -31.84 12.63 0.95
C ALA C 81 -33.15 12.50 1.70
N ALA C 82 -34.23 12.84 1.01
CA ALA C 82 -35.56 12.80 1.61
C ALA C 82 -36.34 11.51 1.37
N THR C 83 -36.00 10.78 0.32
CA THR C 83 -36.75 9.56 0.01
C THR C 83 -35.91 8.34 -0.27
N ARG C 84 -34.59 8.51 -0.39
CA ARG C 84 -33.76 7.34 -0.68
C ARG C 84 -32.60 7.10 0.27
N ASP C 85 -32.71 7.57 1.51
CA ASP C 85 -31.64 7.34 2.48
C ASP C 85 -32.04 6.05 3.20
N PRO C 86 -31.37 4.92 2.89
CA PRO C 86 -31.67 3.62 3.51
C PRO C 86 -31.52 3.56 5.03
N ARG C 87 -31.20 4.69 5.65
CA ARG C 87 -31.04 4.72 7.10
C ARG C 87 -32.33 5.20 7.76
N PHE C 88 -33.14 5.94 7.01
CA PHE C 88 -34.35 6.51 7.54
C PHE C 88 -35.59 6.20 6.72
N PRO C 89 -36.78 6.39 7.33
CA PRO C 89 -38.02 6.14 6.62
C PRO C 89 -38.20 7.35 5.70
N THR C 90 -39.00 7.21 4.65
CA THR C 90 -39.21 8.31 3.73
C THR C 90 -39.76 9.51 4.48
N VAL C 91 -39.39 10.72 4.03
CA VAL C 91 -39.90 11.91 4.68
C VAL C 91 -41.32 12.14 4.17
N GLU C 92 -42.24 12.44 5.07
CA GLU C 92 -43.63 12.69 4.69
C GLU C 92 -43.78 14.17 4.34
N GLN C 93 -44.76 14.47 3.50
CA GLN C 93 -45.03 15.83 3.07
C GLN C 93 -45.13 16.83 4.23
N ASP C 94 -45.91 16.49 5.25
CA ASP C 94 -46.09 17.38 6.40
C ASP C 94 -44.87 17.51 7.32
N GLU C 95 -43.81 16.76 7.03
CA GLU C 95 -42.60 16.81 7.84
C GLU C 95 -41.66 17.95 7.47
N MSE C 96 -41.70 18.37 6.21
CA MSE C 96 -40.84 19.45 5.73
C MSE C 96 -41.01 20.76 6.48
O MSE C 96 -40.11 21.60 6.46
CB MSE C 96 -41.04 19.68 4.23
CG MSE C 96 -40.40 18.62 3.35
SE MSE C 96 -38.51 18.36 3.76
CE MSE C 96 -37.82 19.96 2.94
N LYS C 97 -42.14 20.97 7.13
CA LYS C 97 -42.34 22.21 7.87
C LYS C 97 -41.61 22.13 9.21
N ASN C 98 -41.12 20.93 9.55
CA ASN C 98 -40.40 20.71 10.79
C ASN C 98 -38.96 20.31 10.53
N ILE C 99 -38.53 20.43 9.27
CA ILE C 99 -37.18 20.03 8.89
C ILE C 99 -36.27 21.18 8.48
N LEU C 100 -34.99 21.07 8.82
CA LEU C 100 -34.01 22.07 8.43
C LEU C 100 -33.21 21.49 7.26
N VAL C 101 -33.01 22.30 6.23
CA VAL C 101 -32.27 21.89 5.04
C VAL C 101 -30.87 22.46 5.02
N GLU C 102 -29.90 21.60 4.74
CA GLU C 102 -28.49 21.97 4.66
C GLU C 102 -27.95 21.56 3.30
N VAL C 103 -27.05 22.37 2.75
CA VAL C 103 -26.48 22.04 1.46
C VAL C 103 -24.98 22.29 1.48
N THR C 104 -24.22 21.23 1.22
CA THR C 104 -22.76 21.32 1.20
C THR C 104 -22.31 21.38 -0.26
N ILE C 105 -21.74 22.50 -0.65
CA ILE C 105 -21.27 22.66 -2.02
C ILE C 105 -19.76 22.59 -2.08
N LEU C 106 -19.25 21.76 -2.97
CA LEU C 106 -17.81 21.59 -3.16
C LEU C 106 -17.38 22.43 -4.36
N THR C 107 -16.13 22.88 -4.35
CA THR C 107 -15.62 23.69 -5.46
C THR C 107 -15.24 22.81 -6.64
N GLN C 108 -14.98 23.43 -7.78
CA GLN C 108 -14.58 22.71 -8.98
C GLN C 108 -13.16 22.24 -8.67
N PRO C 109 -12.91 20.91 -8.72
CA PRO C 109 -11.58 20.37 -8.44
C PRO C 109 -10.52 20.98 -9.34
N GLU C 110 -9.41 21.44 -8.76
CA GLU C 110 -8.36 22.01 -9.57
C GLU C 110 -7.09 21.18 -9.45
N LYS C 111 -6.45 20.92 -10.59
CA LYS C 111 -5.25 20.13 -10.64
C LYS C 111 -4.08 20.85 -9.99
N ILE C 112 -3.35 20.14 -9.13
CA ILE C 112 -2.20 20.75 -8.49
C ILE C 112 -1.09 20.57 -9.50
N ASN C 113 -0.51 21.67 -9.96
CA ASN C 113 0.55 21.61 -10.95
C ASN C 113 1.92 21.72 -10.29
N ALA C 114 2.35 20.63 -9.68
CA ALA C 114 3.63 20.57 -9.00
C ALA C 114 4.22 19.18 -9.13
N SER C 115 5.54 19.10 -9.05
CA SER C 115 6.25 17.83 -9.13
C SER C 115 5.89 17.03 -7.89
N PRO C 116 6.17 15.72 -7.90
CA PRO C 116 5.86 14.87 -6.74
C PRO C 116 6.52 15.36 -5.44
N LYS C 117 7.75 15.83 -5.53
CA LYS C 117 8.48 16.31 -4.36
C LYS C 117 7.85 17.54 -3.73
N GLU C 118 7.00 18.24 -4.48
CA GLU C 118 6.37 19.46 -3.98
C GLU C 118 4.88 19.32 -3.63
N LEU C 119 4.26 18.24 -4.07
CA LEU C 119 2.84 18.03 -3.80
C LEU C 119 2.37 18.16 -2.36
N PRO C 120 3.10 17.57 -1.39
CA PRO C 120 2.67 17.66 0.02
C PRO C 120 2.50 19.10 0.53
N ASP C 121 3.39 19.99 0.12
CA ASP C 121 3.34 21.40 0.53
C ASP C 121 2.20 22.15 -0.14
N LYS C 122 1.58 21.52 -1.13
CA LYS C 122 0.46 22.13 -1.85
C LYS C 122 -0.87 21.72 -1.26
N VAL C 123 -0.87 20.60 -0.53
CA VAL C 123 -2.07 20.09 0.10
C VAL C 123 -2.23 20.69 1.50
N GLU C 124 -3.34 21.39 1.72
CA GLU C 124 -3.59 22.02 3.01
C GLU C 124 -4.60 21.20 3.79
N ILE C 125 -4.15 20.59 4.88
CA ILE C 125 -5.02 19.77 5.71
C ILE C 125 -6.03 20.66 6.42
N GLY C 126 -7.32 20.35 6.26
CA GLY C 126 -8.37 21.12 6.89
C GLY C 126 -9.17 21.89 5.86
N LYS C 127 -8.53 22.26 4.77
CA LYS C 127 -9.20 22.99 3.72
C LYS C 127 -9.45 22.13 2.48
N HIS C 128 -8.41 21.40 2.08
CA HIS C 128 -8.47 20.57 0.89
C HIS C 128 -8.96 19.15 1.00
N GLY C 129 -9.75 18.77 0.00
CA GLY C 129 -10.24 17.41 -0.14
C GLY C 129 -9.42 17.04 -1.37
N LEU C 130 -9.26 15.74 -1.67
CA LEU C 130 -8.43 15.37 -2.82
C LEU C 130 -9.02 14.36 -3.78
N ILE C 131 -8.60 14.49 -5.03
CA ILE C 131 -9.01 13.57 -6.07
C ILE C 131 -7.74 13.12 -6.76
N VAL C 132 -7.51 11.82 -6.81
CA VAL C 132 -6.33 11.29 -7.49
C VAL C 132 -6.84 10.64 -8.76
N LYS C 133 -6.24 11.00 -9.89
CA LYS C 133 -6.65 10.45 -11.17
C LYS C 133 -5.49 9.86 -11.94
N GLN C 134 -5.73 8.69 -12.51
CA GLN C 134 -4.72 7.99 -13.28
C GLN C 134 -5.49 7.24 -14.34
N GLY C 135 -5.45 7.76 -15.57
CA GLY C 135 -6.18 7.13 -16.64
C GLY C 135 -7.66 7.25 -16.35
N TYR C 136 -8.33 6.11 -16.24
CA TYR C 136 -9.76 6.10 -15.95
C TYR C 136 -10.04 5.86 -14.46
N CYS C 137 -9.02 5.41 -13.73
CA CYS C 137 -9.15 5.17 -12.29
C CYS C 137 -9.18 6.51 -11.55
N GLN C 138 -10.07 6.63 -10.56
CA GLN C 138 -10.18 7.87 -9.82
C GLN C 138 -10.68 7.60 -8.40
N GLY C 139 -10.20 8.37 -7.44
CA GLY C 139 -10.63 8.20 -6.08
C GLY C 139 -10.64 9.54 -5.34
N LEU C 140 -11.54 9.69 -4.38
CA LEU C 140 -11.56 10.95 -3.65
C LEU C 140 -11.83 10.79 -2.17
N LEU C 141 -11.31 11.75 -1.41
CA LEU C 141 -11.49 11.76 0.04
C LEU C 141 -11.92 13.19 0.40
N LEU C 142 -12.93 13.27 1.26
CA LEU C 142 -13.49 14.54 1.69
C LEU C 142 -12.50 15.35 2.54
N PRO C 143 -12.65 16.68 2.52
CA PRO C 143 -11.77 17.58 3.28
C PRO C 143 -11.61 17.22 4.75
N GLN C 144 -12.71 16.84 5.37
CA GLN C 144 -12.72 16.52 6.80
C GLN C 144 -11.96 15.26 7.18
N VAL C 145 -11.63 14.42 6.20
CA VAL C 145 -10.94 13.18 6.53
C VAL C 145 -9.58 13.36 7.21
N ALA C 146 -8.69 14.14 6.60
CA ALA C 146 -7.36 14.35 7.15
C ALA C 146 -7.33 14.95 8.55
N PRO C 147 -7.95 16.14 8.74
CA PRO C 147 -7.97 16.78 10.06
C PRO C 147 -8.56 15.93 11.17
N GLU C 148 -9.67 15.26 10.89
CA GLU C 148 -10.33 14.42 11.88
C GLU C 148 -9.63 13.11 12.20
N ASN C 149 -8.67 12.70 11.36
CA ASN C 149 -7.98 11.44 11.63
C ASN C 149 -6.47 11.55 11.68
N ASP C 150 -6.00 12.73 12.09
CA ASP C 150 -4.57 13.00 12.26
C ASP C 150 -3.68 12.62 11.08
N MSE C 151 -4.06 13.01 9.87
CA MSE C 151 -3.25 12.72 8.70
C MSE C 151 -2.55 13.99 8.26
O MSE C 151 -3.15 15.06 8.30
CB MSE C 151 -4.10 12.23 7.53
CG MSE C 151 -4.95 11.02 7.75
SE MSE C 151 -5.82 10.64 6.05
CE MSE C 151 -6.55 8.90 6.50
N ASP C 152 -1.29 13.90 7.83
CA ASP C 152 -0.60 15.09 7.30
C ASP C 152 -0.76 15.01 5.80
N SER C 153 -0.13 15.92 5.08
CA SER C 153 -0.21 15.97 3.61
C SER C 153 0.20 14.67 2.95
N ILE C 154 1.32 14.11 3.40
CA ILE C 154 1.81 12.86 2.85
C ILE C 154 0.81 11.73 3.05
N ASP C 155 0.24 11.62 4.26
CA ASP C 155 -0.77 10.59 4.50
C ASP C 155 -1.96 10.76 3.56
N PHE C 156 -2.51 11.97 3.51
CA PHE C 156 -3.67 12.23 2.67
C PHE C 156 -3.44 11.84 1.22
N LEU C 157 -2.28 12.20 0.68
CA LEU C 157 -1.96 11.85 -0.71
C LEU C 157 -1.91 10.33 -0.89
N SER C 158 -1.26 9.65 0.06
CA SER C 158 -1.13 8.20 -0.01
C SER C 158 -2.49 7.53 0.14
N HIS C 159 -3.29 7.98 1.11
CA HIS C 159 -4.60 7.37 1.32
C HIS C 159 -5.53 7.61 0.14
N THR C 160 -5.51 8.81 -0.45
CA THR C 160 -6.38 9.08 -1.58
C THR C 160 -5.99 8.20 -2.78
N CYS C 161 -4.70 7.91 -2.91
CA CYS C 161 -4.26 7.06 -4.02
C CYS C 161 -4.81 5.65 -3.85
N MSE C 162 -4.79 5.14 -2.63
CA MSE C 162 -5.30 3.79 -2.39
C MSE C 162 -6.81 3.81 -2.58
O MSE C 162 -7.39 2.85 -3.05
CB MSE C 162 -4.94 3.30 -0.99
CG MSE C 162 -5.37 1.85 -0.74
SE MSE C 162 -4.29 0.91 0.60
CE MSE C 162 -5.04 1.70 2.20
N LYS C 163 -7.45 4.93 -2.20
CA LYS C 163 -8.89 5.07 -2.38
C LYS C 163 -9.23 4.95 -3.86
N ALA C 164 -8.30 5.33 -4.72
CA ALA C 164 -8.50 5.27 -6.15
C ALA C 164 -8.22 3.85 -6.68
N GLY C 165 -7.80 2.95 -5.79
CA GLY C 165 -7.50 1.59 -6.20
C GLY C 165 -6.05 1.48 -6.65
N LEU C 166 -5.29 2.55 -6.44
CA LEU C 166 -3.90 2.60 -6.86
C LEU C 166 -2.95 2.40 -5.70
N SER C 167 -1.66 2.22 -6.03
CA SER C 167 -0.65 2.04 -4.99
C SER C 167 -0.52 3.36 -4.25
N PRO C 168 -0.18 3.31 -2.96
CA PRO C 168 -0.01 4.51 -2.12
C PRO C 168 1.04 5.47 -2.65
N ASP C 169 2.00 4.98 -3.41
CA ASP C 169 3.04 5.85 -3.91
C ASP C 169 2.77 6.36 -5.33
N ALA C 170 1.56 6.14 -5.81
CA ALA C 170 1.18 6.58 -7.16
C ALA C 170 1.40 8.09 -7.32
N TRP C 171 1.15 8.87 -6.28
CA TRP C 171 1.36 10.31 -6.38
C TRP C 171 2.85 10.64 -6.48
N VAL C 172 3.68 9.78 -5.91
CA VAL C 172 5.13 10.00 -5.96
C VAL C 172 5.63 9.72 -7.37
N LYS C 173 4.91 8.89 -8.10
CA LYS C 173 5.30 8.53 -9.46
C LYS C 173 4.65 9.38 -10.55
N GLY C 174 4.06 10.51 -10.15
CA GLY C 174 3.45 11.39 -11.12
C GLY C 174 1.96 11.25 -11.40
N ALA C 175 1.21 10.61 -10.50
CA ALA C 175 -0.23 10.47 -10.71
C ALA C 175 -0.88 11.85 -10.52
N GLU C 176 -1.93 12.13 -11.28
CA GLU C 176 -2.63 13.40 -11.20
C GLU C 176 -3.35 13.62 -9.88
N VAL C 177 -3.19 14.81 -9.32
CA VAL C 177 -3.83 15.15 -8.06
C VAL C 177 -4.61 16.45 -8.20
N TYR C 178 -5.89 16.41 -7.81
CA TYR C 178 -6.78 17.55 -7.85
C TYR C 178 -7.28 17.84 -6.44
N CYS C 179 -7.35 19.11 -6.06
CA CYS C 179 -7.85 19.45 -4.74
C CYS C 179 -9.13 20.25 -4.85
N PHE C 180 -9.90 20.29 -3.77
CA PHE C 180 -11.15 21.03 -3.76
C PHE C 180 -11.50 21.37 -2.33
N GLU C 181 -12.39 22.33 -2.16
CA GLU C 181 -12.82 22.79 -0.86
C GLU C 181 -14.34 22.72 -0.81
N GLY C 182 -14.91 23.17 0.30
CA GLY C 182 -16.36 23.12 0.42
C GLY C 182 -16.89 24.15 1.40
N GLN C 183 -18.20 24.37 1.33
CA GLN C 183 -18.86 25.32 2.21
C GLN C 183 -20.26 24.77 2.47
N ILE C 184 -20.80 25.05 3.64
CA ILE C 184 -22.13 24.58 3.98
C ILE C 184 -23.09 25.73 4.23
N PHE C 185 -24.26 25.66 3.61
CA PHE C 185 -25.29 26.67 3.81
C PHE C 185 -26.42 25.92 4.46
N LYS C 186 -26.93 26.44 5.56
CA LYS C 186 -28.01 25.78 6.25
C LYS C 186 -29.05 26.77 6.80
N GLU C 187 -30.30 26.32 6.83
CA GLU C 187 -31.41 27.12 7.32
C GLU C 187 -31.37 27.27 8.83
N LYS C 188 -31.59 28.49 9.32
CA LYS C 188 -31.62 28.69 10.77
C LYS C 188 -33.00 28.21 11.20
N GLU C 189 -33.90 28.15 10.23
CA GLU C 189 -35.27 27.70 10.44
C GLU C 189 -35.88 27.37 9.08
N PRO C 190 -36.88 26.47 9.06
CA PRO C 190 -37.52 26.09 7.80
C PRO C 190 -37.95 27.29 6.95
N ASP C 191 -37.36 27.37 5.77
CA ASP C 191 -37.65 28.44 4.82
C ASP C 191 -37.25 29.80 5.38
N GLY C 192 -36.37 29.79 6.38
CA GLY C 192 -35.92 31.03 6.99
C GLY C 192 -34.55 31.50 6.54
N GLU C 193 -33.86 32.22 7.42
CA GLU C 193 -32.53 32.73 7.12
C GLU C 193 -31.52 31.61 6.92
N VAL C 194 -30.58 31.83 6.01
CA VAL C 194 -29.54 30.85 5.70
C VAL C 194 -28.19 31.37 6.17
N ILE C 195 -27.48 30.56 6.95
CA ILE C 195 -26.17 30.91 7.46
C ILE C 195 -25.10 30.04 6.80
N GLU C 196 -23.85 30.48 6.87
CA GLU C 196 -22.75 29.74 6.27
C GLU C 196 -21.78 29.14 7.29
N GLU C 197 -21.55 27.85 7.16
CA GLU C 197 -20.62 27.12 8.03
C GLU C 197 -19.38 26.91 7.16
N LYS C 198 -18.28 27.56 7.54
CA LYS C 198 -17.04 27.46 6.78
C LYS C 198 -16.21 26.22 7.13
N PHE C 199 -16.54 25.55 8.22
CA PHE C 199 -15.79 24.35 8.63
C PHE C 199 -16.48 23.04 8.31
N LEU C 200 -15.87 22.24 7.43
CA LEU C 200 -16.42 20.95 7.06
C LEU C 200 -15.98 19.87 8.05
N GLU C 201 -14.94 20.16 8.83
CA GLU C 201 -14.44 19.20 9.82
C GLU C 201 -14.86 19.58 11.24
N HIS C 202 -15.24 18.58 12.02
CA HIS C 202 -15.65 18.81 13.41
C HIS C 202 -14.45 19.21 14.24
N HIS C 203 -13.35 18.48 14.06
CA HIS C 203 -12.13 18.75 14.80
C HIS C 203 -10.88 18.64 13.93
N HIS C 204 -9.78 19.17 14.43
CA HIS C 204 -8.52 19.18 13.70
C HIS C 204 -7.36 19.17 14.70
N MSE D 1 4.67 -27.52 -19.43
CA MSE D 1 6.16 -27.55 -19.36
C MSE D 1 6.76 -28.18 -20.61
O MSE D 1 6.33 -29.25 -21.03
CB MSE D 1 6.61 -28.34 -18.13
CG MSE D 1 6.14 -27.73 -16.81
SE MSE D 1 6.92 -25.99 -16.47
CE MSE D 1 8.59 -26.57 -15.67
N LEU D 2 7.74 -27.51 -21.20
CA LEU D 2 8.39 -28.03 -22.40
C LEU D 2 9.06 -29.36 -22.12
N THR D 3 9.21 -30.16 -23.17
CA THR D 3 9.83 -31.47 -23.05
C THR D 3 11.32 -31.28 -23.26
N GLU D 4 12.09 -32.33 -23.00
CA GLU D 4 13.54 -32.27 -23.19
C GLU D 4 13.90 -31.91 -24.62
N THR D 5 13.14 -32.43 -25.57
CA THR D 5 13.38 -32.16 -26.98
C THR D 5 13.08 -30.69 -27.28
N GLU D 6 11.88 -30.26 -26.94
CA GLU D 6 11.48 -28.87 -27.19
C GLU D 6 12.51 -27.91 -26.61
N GLY D 7 12.98 -28.21 -25.40
CA GLY D 7 13.97 -27.38 -24.76
C GLY D 7 15.26 -27.35 -25.55
N ARG D 8 15.66 -28.51 -26.06
CA ARG D 8 16.88 -28.60 -26.84
C ARG D 8 16.74 -27.74 -28.09
N ALA D 9 15.56 -27.75 -28.68
CA ALA D 9 15.32 -26.97 -29.88
C ALA D 9 15.37 -25.49 -29.54
N ALA D 10 14.92 -25.14 -28.35
CA ALA D 10 14.89 -23.74 -27.91
C ALA D 10 16.30 -23.16 -27.91
N VAL D 11 17.24 -23.84 -27.26
CA VAL D 11 18.62 -23.38 -27.19
C VAL D 11 19.27 -23.37 -28.57
N LYS D 12 19.04 -24.43 -29.34
CA LYS D 12 19.60 -24.54 -30.68
C LYS D 12 19.11 -23.40 -31.56
N LEU D 13 17.83 -23.06 -31.41
CA LEU D 13 17.25 -21.96 -32.18
C LEU D 13 17.93 -20.65 -31.77
N ALA D 14 18.06 -20.46 -30.46
CA ALA D 14 18.71 -19.26 -29.92
C ALA D 14 20.14 -19.17 -30.42
N ARG D 15 20.90 -20.27 -30.32
CA ARG D 15 22.28 -20.28 -30.75
C ARG D 15 22.44 -20.04 -32.26
N LYS D 16 21.63 -20.75 -33.06
CA LYS D 16 21.73 -20.60 -34.50
C LYS D 16 21.32 -19.20 -34.96
N THR D 17 20.32 -18.61 -34.30
CA THR D 17 19.87 -17.28 -34.65
C THR D 17 20.99 -16.28 -34.53
N ILE D 18 21.73 -16.41 -33.44
CA ILE D 18 22.86 -15.54 -33.15
C ILE D 18 23.99 -15.76 -34.15
N GLU D 19 24.38 -17.02 -34.34
CA GLU D 19 25.47 -17.32 -35.28
C GLU D 19 25.14 -16.80 -36.66
N ILE D 20 23.87 -16.87 -37.04
CA ILE D 20 23.45 -16.41 -38.34
C ILE D 20 23.40 -14.89 -38.40
N PHE D 21 22.93 -14.25 -37.33
CA PHE D 21 22.87 -12.81 -37.30
C PHE D 21 24.26 -12.21 -37.34
N LEU D 22 25.16 -12.77 -36.53
CA LEU D 22 26.54 -12.30 -36.46
C LEU D 22 27.26 -12.39 -37.80
N SER D 23 27.01 -13.47 -38.53
CA SER D 23 27.64 -13.69 -39.82
C SER D 23 27.09 -12.81 -40.94
N LYS D 24 26.00 -13.24 -41.57
CA LYS D 24 25.40 -12.47 -42.65
C LYS D 24 24.91 -11.08 -42.21
N GLY D 25 24.63 -10.93 -40.93
CA GLY D 25 24.18 -9.64 -40.41
C GLY D 25 22.68 -9.41 -40.45
N LYS D 26 21.92 -10.50 -40.52
CA LYS D 26 20.46 -10.40 -40.58
C LYS D 26 19.86 -11.55 -39.78
N SER D 27 18.57 -11.49 -39.50
CA SER D 27 17.91 -12.56 -38.74
C SER D 27 17.41 -13.65 -39.69
N PRO D 28 17.68 -14.92 -39.37
CA PRO D 28 17.23 -16.01 -40.24
C PRO D 28 15.71 -16.07 -40.36
N ARG D 29 15.21 -16.71 -41.41
CA ARG D 29 13.77 -16.84 -41.56
C ARG D 29 13.30 -17.71 -40.39
N PRO D 30 12.34 -17.21 -39.58
CA PRO D 30 11.82 -17.91 -38.41
C PRO D 30 11.55 -19.41 -38.55
N ASP D 31 11.24 -19.87 -39.75
CA ASP D 31 10.98 -21.30 -39.98
C ASP D 31 12.05 -21.96 -40.84
N ALA D 32 13.15 -21.24 -41.08
CA ALA D 32 14.25 -21.76 -41.88
C ALA D 32 15.55 -21.57 -41.12
N SER D 33 15.48 -21.79 -39.81
CA SER D 33 16.64 -21.65 -38.94
C SER D 33 17.51 -22.90 -39.00
N GLY D 34 16.87 -24.05 -39.09
CA GLY D 34 17.58 -25.31 -39.14
C GLY D 34 17.30 -26.16 -37.92
N VAL D 35 16.30 -25.74 -37.14
CA VAL D 35 15.91 -26.46 -35.94
C VAL D 35 14.43 -26.82 -35.99
N GLU D 36 14.10 -28.08 -35.75
CA GLU D 36 12.72 -28.55 -35.75
C GLU D 36 11.96 -27.88 -34.61
N LEU D 37 10.80 -27.31 -34.90
CA LEU D 37 10.01 -26.63 -33.88
C LEU D 37 8.57 -27.14 -33.77
N SER D 38 8.21 -27.66 -32.59
CA SER D 38 6.86 -28.17 -32.38
C SER D 38 5.88 -27.01 -32.21
N PRO D 39 4.56 -27.31 -32.17
CA PRO D 39 3.58 -26.23 -32.02
C PRO D 39 3.72 -25.36 -30.76
N VAL D 40 4.47 -25.82 -29.78
CA VAL D 40 4.64 -25.04 -28.56
C VAL D 40 5.31 -23.70 -28.88
N PHE D 41 6.09 -23.67 -29.94
CA PHE D 41 6.80 -22.45 -30.35
C PHE D 41 5.91 -21.39 -30.97
N GLU D 42 4.63 -21.71 -31.11
CA GLU D 42 3.69 -20.75 -31.66
C GLU D 42 2.84 -20.19 -30.52
N GLU D 43 3.09 -20.65 -29.30
CA GLU D 43 2.34 -20.16 -28.15
C GLU D 43 2.92 -18.85 -27.66
N TYR D 44 2.06 -17.98 -27.14
CA TYR D 44 2.54 -16.72 -26.62
C TYR D 44 3.01 -16.93 -25.19
N ARG D 45 4.31 -16.81 -24.99
CA ARG D 45 4.91 -16.99 -23.69
C ARG D 45 6.23 -16.24 -23.62
N GLY D 46 6.60 -15.82 -22.41
CA GLY D 46 7.84 -15.08 -22.24
C GLY D 46 9.04 -15.99 -22.18
N VAL D 47 10.21 -15.42 -22.44
CA VAL D 47 11.48 -16.14 -22.42
C VAL D 47 12.63 -15.17 -22.32
N PHE D 48 13.77 -15.68 -21.88
CA PHE D 48 14.98 -14.90 -21.78
C PHE D 48 16.10 -15.71 -22.39
N VAL D 49 17.09 -15.02 -22.96
CA VAL D 49 18.22 -15.69 -23.55
C VAL D 49 19.46 -15.19 -22.85
N THR D 50 20.20 -16.11 -22.26
CA THR D 50 21.42 -15.77 -21.52
C THR D 50 22.64 -16.36 -22.18
N LEU D 51 23.73 -15.59 -22.17
CA LEU D 51 24.99 -16.01 -22.75
C LEU D 51 26.07 -15.86 -21.67
N THR D 52 26.85 -16.92 -21.46
CA THR D 52 27.92 -16.85 -20.48
C THR D 52 29.21 -17.20 -21.20
N GLU D 53 30.33 -16.72 -20.68
CA GLU D 53 31.62 -17.01 -21.29
C GLU D 53 32.60 -17.21 -20.17
N GLY D 54 33.29 -18.35 -20.20
CA GLY D 54 34.25 -18.65 -19.16
C GLY D 54 33.63 -18.64 -17.77
N GLY D 55 32.33 -18.90 -17.71
CA GLY D 55 31.64 -18.93 -16.43
C GLY D 55 31.10 -17.59 -15.97
N LEU D 56 31.20 -16.59 -16.84
CA LEU D 56 30.73 -15.24 -16.52
C LEU D 56 29.63 -14.75 -17.47
N LEU D 57 28.75 -13.91 -16.96
CA LEU D 57 27.66 -13.37 -17.76
C LEU D 57 28.24 -12.63 -18.96
N ARG D 58 27.69 -12.87 -20.14
CA ARG D 58 28.18 -12.21 -21.35
C ARG D 58 27.07 -11.39 -21.99
N GLY D 59 25.82 -11.73 -21.65
CA GLY D 59 24.67 -11.00 -22.16
C GLY D 59 23.35 -11.68 -21.77
N CYS D 60 22.29 -10.88 -21.64
CA CYS D 60 20.99 -11.43 -21.29
C CYS D 60 19.83 -10.46 -21.54
N ILE D 61 18.94 -10.84 -22.45
CA ILE D 61 17.76 -10.07 -22.81
C ILE D 61 16.57 -11.03 -22.90
N GLY D 62 15.38 -10.56 -22.55
CA GLY D 62 14.19 -11.40 -22.62
C GLY D 62 12.86 -10.67 -22.61
N HIS D 63 11.78 -11.43 -22.79
CA HIS D 63 10.42 -10.92 -22.78
C HIS D 63 9.71 -11.53 -21.59
N PRO D 64 9.53 -10.76 -20.51
CA PRO D 64 8.84 -11.30 -19.32
C PRO D 64 7.37 -11.66 -19.60
N TYR D 65 6.71 -10.83 -20.39
CA TYR D 65 5.30 -11.04 -20.74
C TYR D 65 5.15 -11.86 -22.02
N PRO D 66 4.05 -12.61 -22.14
CA PRO D 66 3.80 -13.43 -23.33
C PRO D 66 3.28 -12.53 -24.46
N ASP D 67 4.03 -11.49 -24.76
CA ASP D 67 3.67 -10.54 -25.81
C ASP D 67 3.83 -11.13 -27.20
N SER D 68 4.69 -12.13 -27.31
CA SER D 68 4.97 -12.76 -28.59
C SER D 68 5.00 -14.26 -28.51
N THR D 69 4.97 -14.91 -29.67
CA THR D 69 5.03 -16.36 -29.72
C THR D 69 6.42 -16.71 -29.22
N LEU D 70 6.57 -17.95 -28.77
CA LEU D 70 7.85 -18.43 -28.26
C LEU D 70 8.94 -18.27 -29.31
N LYS D 71 8.62 -18.60 -30.55
CA LYS D 71 9.58 -18.53 -31.65
C LYS D 71 10.11 -17.10 -31.80
N GLU D 72 9.19 -16.16 -32.01
CA GLU D 72 9.54 -14.75 -32.18
C GLU D 72 10.33 -14.24 -30.97
N ALA D 73 9.83 -14.54 -29.78
CA ALA D 73 10.47 -14.12 -28.54
C ALA D 73 11.91 -14.59 -28.41
N ILE D 74 12.20 -15.81 -28.90
CA ILE D 74 13.56 -16.35 -28.82
C ILE D 74 14.50 -15.70 -29.84
N LEU D 75 14.06 -15.54 -31.08
CA LEU D 75 14.91 -14.92 -32.09
C LEU D 75 15.31 -13.51 -31.63
N ASP D 76 14.32 -12.71 -31.27
CA ASP D 76 14.57 -11.35 -30.82
C ASP D 76 15.44 -11.27 -29.56
N SER D 77 15.12 -12.08 -28.56
CA SER D 77 15.88 -12.09 -27.31
C SER D 77 17.30 -12.59 -27.54
N ALA D 78 17.46 -13.53 -28.45
CA ALA D 78 18.77 -14.08 -28.75
C ALA D 78 19.65 -13.04 -29.45
N ILE D 79 19.10 -12.33 -30.42
CA ILE D 79 19.90 -11.33 -31.12
C ILE D 79 20.25 -10.18 -30.16
N SER D 80 19.28 -9.73 -29.38
CA SER D 80 19.51 -8.65 -28.42
C SER D 80 20.53 -9.03 -27.36
N ALA D 81 20.45 -10.27 -26.88
CA ALA D 81 21.38 -10.73 -25.85
C ALA D 81 22.81 -10.68 -26.35
N ALA D 82 22.99 -10.90 -27.65
CA ALA D 82 24.31 -10.89 -28.25
C ALA D 82 24.72 -9.51 -28.76
N THR D 83 23.76 -8.71 -29.19
CA THR D 83 24.09 -7.40 -29.75
C THR D 83 23.44 -6.18 -29.12
N ARG D 84 22.48 -6.38 -28.22
CA ARG D 84 21.81 -5.24 -27.63
C ARG D 84 21.81 -5.15 -26.11
N ASP D 85 22.81 -5.74 -25.45
CA ASP D 85 22.89 -5.68 -23.98
C ASP D 85 23.85 -4.53 -23.67
N PRO D 86 23.30 -3.36 -23.29
CA PRO D 86 24.13 -2.19 -22.98
C PRO D 86 25.20 -2.41 -21.91
N ARG D 87 25.15 -3.54 -21.21
CA ARG D 87 26.14 -3.83 -20.18
C ARG D 87 27.39 -4.44 -20.79
N PHE D 88 27.32 -4.85 -22.06
CA PHE D 88 28.46 -5.48 -22.72
C PHE D 88 28.63 -5.06 -24.18
N PRO D 89 29.83 -5.26 -24.74
CA PRO D 89 30.02 -4.90 -26.13
C PRO D 89 29.39 -6.04 -26.93
N THR D 90 29.15 -5.82 -28.21
CA THR D 90 28.55 -6.86 -29.05
C THR D 90 29.47 -8.08 -29.12
N VAL D 91 28.89 -9.28 -29.10
CA VAL D 91 29.71 -10.49 -29.18
C VAL D 91 30.23 -10.64 -30.61
N GLU D 92 31.47 -11.12 -30.74
CA GLU D 92 32.10 -11.33 -32.04
C GLU D 92 31.76 -12.75 -32.52
N GLN D 93 31.85 -12.97 -33.83
CA GLN D 93 31.55 -14.29 -34.40
C GLN D 93 32.42 -15.40 -33.86
N ASP D 94 33.71 -15.11 -33.67
CA ASP D 94 34.64 -16.10 -33.15
C ASP D 94 34.42 -16.40 -31.67
N GLU D 95 33.61 -15.59 -31.01
CA GLU D 95 33.34 -15.77 -29.58
C GLU D 95 32.31 -16.84 -29.27
N MSE D 96 31.37 -17.07 -30.18
CA MSE D 96 30.32 -18.05 -29.97
C MSE D 96 30.79 -19.48 -29.72
O MSE D 96 30.07 -20.27 -29.12
CB MSE D 96 29.33 -18.03 -31.12
CG MSE D 96 28.41 -16.82 -31.12
SE MSE D 96 27.49 -16.62 -29.42
CE MSE D 96 26.17 -18.03 -29.65
N LYS D 97 31.99 -19.82 -30.19
CA LYS D 97 32.49 -21.17 -29.98
C LYS D 97 33.04 -21.27 -28.56
N ASN D 98 33.07 -20.13 -27.87
CA ASN D 98 33.56 -20.08 -26.49
C ASN D 98 32.47 -19.59 -25.56
N ILE D 99 31.24 -19.60 -26.04
CA ILE D 99 30.10 -19.13 -25.25
C ILE D 99 29.03 -20.19 -25.06
N LEU D 100 28.41 -20.18 -23.89
CA LEU D 100 27.34 -21.12 -23.59
C LEU D 100 26.00 -20.39 -23.70
N VAL D 101 25.02 -21.03 -24.32
CA VAL D 101 23.70 -20.44 -24.46
C VAL D 101 22.70 -21.03 -23.47
N GLU D 102 21.93 -20.15 -22.86
CA GLU D 102 20.92 -20.54 -21.88
C GLU D 102 19.59 -19.92 -22.28
N VAL D 103 18.51 -20.68 -22.14
CA VAL D 103 17.19 -20.19 -22.47
C VAL D 103 16.19 -20.49 -21.36
N THR D 104 15.56 -19.43 -20.83
CA THR D 104 14.56 -19.60 -19.79
C THR D 104 13.20 -19.42 -20.46
N ILE D 105 12.37 -20.46 -20.41
CA ILE D 105 11.05 -20.39 -21.02
C ILE D 105 9.98 -20.34 -19.94
N LEU D 106 9.06 -19.41 -20.08
CA LEU D 106 7.95 -19.24 -19.14
C LEU D 106 6.71 -19.88 -19.76
N THR D 107 5.82 -20.38 -18.92
CA THR D 107 4.60 -20.99 -19.41
C THR D 107 3.60 -19.89 -19.71
N GLN D 108 2.56 -20.20 -20.48
CA GLN D 108 1.53 -19.22 -20.79
C GLN D 108 0.89 -18.90 -19.44
N PRO D 109 0.74 -17.61 -19.11
CA PRO D 109 0.13 -17.27 -17.82
C PRO D 109 -1.31 -17.78 -17.73
N GLU D 110 -1.66 -18.41 -16.61
CA GLU D 110 -3.02 -18.90 -16.47
C GLU D 110 -3.74 -18.24 -15.31
N LYS D 111 -4.95 -17.76 -15.57
CA LYS D 111 -5.74 -17.10 -14.55
C LYS D 111 -6.07 -18.06 -13.43
N ILE D 112 -5.82 -17.62 -12.20
CA ILE D 112 -6.12 -18.43 -11.04
C ILE D 112 -7.57 -18.13 -10.71
N ASN D 113 -8.44 -19.11 -10.93
CA ASN D 113 -9.86 -18.93 -10.65
C ASN D 113 -10.24 -19.34 -9.25
N ALA D 114 -9.97 -18.44 -8.31
CA ALA D 114 -10.26 -18.66 -6.90
C ALA D 114 -10.64 -17.32 -6.25
N SER D 115 -11.40 -17.41 -5.15
CA SER D 115 -11.81 -16.23 -4.42
C SER D 115 -10.60 -15.72 -3.64
N PRO D 116 -10.63 -14.44 -3.23
CA PRO D 116 -9.50 -13.88 -2.49
C PRO D 116 -9.15 -14.72 -1.27
N LYS D 117 -10.17 -15.34 -0.68
CA LYS D 117 -9.96 -16.19 0.49
C LYS D 117 -9.16 -17.44 0.14
N GLU D 118 -9.17 -17.81 -1.14
CA GLU D 118 -8.45 -19.00 -1.62
C GLU D 118 -7.13 -18.68 -2.31
N LEU D 119 -7.02 -17.50 -2.90
CA LEU D 119 -5.80 -17.12 -3.63
C LEU D 119 -4.46 -17.48 -3.02
N PRO D 120 -4.18 -17.06 -1.78
CA PRO D 120 -2.87 -17.40 -1.20
C PRO D 120 -2.53 -18.89 -1.25
N ASP D 121 -3.51 -19.74 -1.00
CA ASP D 121 -3.31 -21.19 -1.02
C ASP D 121 -2.99 -21.72 -2.41
N LYS D 122 -3.48 -21.01 -3.43
CA LYS D 122 -3.25 -21.43 -4.81
C LYS D 122 -1.96 -20.89 -5.40
N VAL D 123 -1.28 -20.02 -4.68
CA VAL D 123 -0.02 -19.46 -5.18
C VAL D 123 1.13 -20.21 -4.53
N GLU D 124 1.91 -20.92 -5.34
CA GLU D 124 3.04 -21.70 -4.84
C GLU D 124 4.38 -20.99 -4.92
N ILE D 125 4.90 -20.59 -3.78
CA ILE D 125 6.17 -19.89 -3.70
C ILE D 125 7.32 -20.78 -4.14
N GLY D 126 8.09 -20.33 -5.13
CA GLY D 126 9.21 -21.11 -5.62
C GLY D 126 8.92 -21.73 -6.97
N LYS D 127 7.65 -21.73 -7.35
CA LYS D 127 7.23 -22.30 -8.62
C LYS D 127 6.51 -21.23 -9.45
N HIS D 128 5.59 -20.53 -8.82
CA HIS D 128 4.79 -19.54 -9.52
C HIS D 128 5.33 -18.12 -9.61
N GLY D 129 5.10 -17.52 -10.77
CA GLY D 129 5.46 -16.15 -11.01
C GLY D 129 4.08 -15.54 -11.10
N LEU D 130 3.92 -14.26 -10.85
CA LEU D 130 2.59 -13.69 -10.90
C LEU D 130 2.42 -12.47 -11.78
N ILE D 131 1.20 -12.34 -12.29
CA ILE D 131 0.82 -11.19 -13.10
C ILE D 131 -0.52 -10.77 -12.53
N VAL D 132 -0.67 -9.50 -12.21
CA VAL D 132 -1.94 -9.02 -11.70
C VAL D 132 -2.46 -8.05 -12.76
N LYS D 133 -3.74 -8.14 -13.04
CA LYS D 133 -4.33 -7.29 -14.05
C LYS D 133 -5.70 -6.82 -13.56
N GLN D 134 -5.96 -5.53 -13.73
CA GLN D 134 -7.25 -4.95 -13.36
C GLN D 134 -7.48 -3.75 -14.25
N GLY D 135 -8.02 -4.01 -15.43
CA GLY D 135 -8.28 -2.95 -16.38
C GLY D 135 -7.12 -2.79 -17.33
N TYR D 136 -6.51 -1.61 -17.32
CA TYR D 136 -5.38 -1.34 -18.19
C TYR D 136 -4.09 -1.47 -17.39
N CYS D 137 -4.22 -1.60 -16.08
CA CYS D 137 -3.08 -1.74 -15.18
C CYS D 137 -2.60 -3.19 -15.20
N GLN D 138 -1.29 -3.37 -15.32
CA GLN D 138 -0.73 -4.71 -15.34
C GLN D 138 0.68 -4.75 -14.73
N GLY D 139 0.95 -5.79 -13.97
CA GLY D 139 2.26 -5.92 -13.35
C GLY D 139 2.65 -7.37 -13.14
N LEU D 140 3.95 -7.66 -13.26
CA LEU D 140 4.39 -9.03 -13.06
C LEU D 140 5.69 -9.06 -12.29
N LEU D 141 5.87 -10.15 -11.55
CA LEU D 141 7.07 -10.39 -10.75
C LEU D 141 7.51 -11.82 -11.09
N LEU D 142 8.81 -12.01 -11.36
CA LEU D 142 9.33 -13.33 -11.73
C LEU D 142 9.30 -14.35 -10.59
N PRO D 143 9.27 -15.65 -10.93
CA PRO D 143 9.23 -16.75 -9.95
C PRO D 143 10.25 -16.70 -8.82
N GLN D 144 11.47 -16.27 -9.14
CA GLN D 144 12.54 -16.23 -8.14
C GLN D 144 12.40 -15.11 -7.11
N VAL D 145 11.59 -14.11 -7.40
CA VAL D 145 11.44 -12.99 -6.46
C VAL D 145 10.98 -13.39 -5.07
N ALA D 146 9.88 -14.12 -4.99
CA ALA D 146 9.33 -14.52 -3.69
C ALA D 146 10.24 -15.36 -2.80
N PRO D 147 10.81 -16.45 -3.34
CA PRO D 147 11.69 -17.30 -2.52
C PRO D 147 13.05 -16.67 -2.15
N GLU D 148 13.58 -15.83 -3.03
CA GLU D 148 14.86 -15.19 -2.76
C GLU D 148 14.77 -14.01 -1.77
N ASN D 149 13.57 -13.47 -1.59
CA ASN D 149 13.40 -12.35 -0.67
C ASN D 149 12.43 -12.63 0.47
N ASP D 150 12.33 -13.91 0.82
CA ASP D 150 11.49 -14.37 1.92
C ASP D 150 10.07 -13.83 1.92
N MSE D 151 9.35 -14.03 0.81
CA MSE D 151 7.96 -13.58 0.72
C MSE D 151 7.06 -14.81 0.67
O MSE D 151 7.34 -15.76 -0.04
CB MSE D 151 7.72 -12.80 -0.57
CG MSE D 151 8.51 -11.54 -0.75
SE MSE D 151 8.05 -10.84 -2.50
CE MSE D 151 6.23 -10.39 -2.11
N ASP D 152 5.95 -14.78 1.43
CA ASP D 152 5.01 -15.89 1.39
C ASP D 152 3.96 -15.58 0.31
N SER D 153 2.90 -16.37 0.27
CA SER D 153 1.84 -16.17 -0.72
C SER D 153 1.20 -14.80 -0.62
N ILE D 154 0.86 -14.41 0.60
CA ILE D 154 0.22 -13.13 0.86
C ILE D 154 1.12 -11.99 0.38
N ASP D 155 2.39 -12.03 0.79
CA ASP D 155 3.33 -10.99 0.40
C ASP D 155 3.42 -10.91 -1.11
N PHE D 156 3.59 -12.05 -1.78
CA PHE D 156 3.74 -12.07 -3.22
C PHE D 156 2.57 -11.46 -3.98
N LEU D 157 1.36 -11.77 -3.52
CA LEU D 157 0.17 -11.20 -4.16
C LEU D 157 0.17 -9.67 -3.96
N SER D 158 0.46 -9.22 -2.75
CA SER D 158 0.46 -7.77 -2.45
C SER D 158 1.52 -7.01 -3.23
N HIS D 159 2.73 -7.58 -3.30
CA HIS D 159 3.80 -6.91 -4.03
C HIS D 159 3.52 -6.87 -5.55
N THR D 160 2.91 -7.91 -6.09
CA THR D 160 2.63 -7.92 -7.52
C THR D 160 1.56 -6.90 -7.84
N CYS D 161 0.62 -6.71 -6.93
CA CYS D 161 -0.43 -5.72 -7.10
C CYS D 161 0.18 -4.33 -7.17
N MSE D 162 1.12 -4.05 -6.28
CA MSE D 162 1.76 -2.73 -6.29
C MSE D 162 2.63 -2.56 -7.54
O MSE D 162 2.72 -1.47 -8.09
CB MSE D 162 2.62 -2.52 -5.03
CG MSE D 162 3.31 -1.16 -5.00
SE MSE D 162 3.65 -0.52 -3.20
CE MSE D 162 5.22 -1.61 -2.80
N LYS D 163 3.26 -3.65 -7.97
CA LYS D 163 4.10 -3.64 -9.16
C LYS D 163 3.25 -3.21 -10.36
N ALA D 164 1.97 -3.59 -10.32
CA ALA D 164 1.03 -3.27 -11.39
C ALA D 164 0.53 -1.83 -11.27
N GLY D 165 1.01 -1.12 -10.25
CA GLY D 165 0.60 0.26 -10.03
C GLY D 165 -0.69 0.35 -9.21
N LEU D 166 -1.13 -0.79 -8.68
CA LEU D 166 -2.35 -0.86 -7.90
C LEU D 166 -2.13 -0.95 -6.40
N SER D 167 -3.23 -0.85 -5.66
CA SER D 167 -3.18 -0.96 -4.22
C SER D 167 -2.72 -2.37 -3.86
N PRO D 168 -1.95 -2.53 -2.78
CA PRO D 168 -1.48 -3.86 -2.38
C PRO D 168 -2.62 -4.84 -2.08
N ASP D 169 -3.78 -4.31 -1.70
CA ASP D 169 -4.92 -5.16 -1.38
C ASP D 169 -5.87 -5.40 -2.56
N ALA D 170 -5.44 -5.02 -3.76
CA ALA D 170 -6.25 -5.19 -4.96
C ALA D 170 -6.68 -6.64 -5.16
N TRP D 171 -5.82 -7.59 -4.77
CA TRP D 171 -6.15 -9.01 -4.93
C TRP D 171 -7.26 -9.43 -3.99
N VAL D 172 -7.30 -8.80 -2.82
CA VAL D 172 -8.34 -9.12 -1.84
C VAL D 172 -9.67 -8.62 -2.36
N LYS D 173 -9.63 -7.58 -3.19
CA LYS D 173 -10.84 -7.00 -3.75
C LYS D 173 -11.31 -7.62 -5.07
N GLY D 174 -10.57 -8.59 -5.58
CA GLY D 174 -11.00 -9.24 -6.81
C GLY D 174 -10.19 -8.94 -8.05
N ALA D 175 -8.99 -8.38 -7.88
CA ALA D 175 -8.16 -8.08 -9.04
C ALA D 175 -7.75 -9.42 -9.65
N GLU D 176 -7.68 -9.48 -10.97
CA GLU D 176 -7.30 -10.70 -11.66
C GLU D 176 -5.88 -11.12 -11.35
N VAL D 177 -5.69 -12.40 -11.05
CA VAL D 177 -4.37 -12.92 -10.75
C VAL D 177 -4.01 -14.08 -11.68
N TYR D 178 -2.88 -13.94 -12.37
CA TYR D 178 -2.40 -14.97 -13.28
C TYR D 178 -1.06 -15.51 -12.80
N CYS D 179 -0.90 -16.83 -12.85
CA CYS D 179 0.35 -17.44 -12.43
C CYS D 179 1.03 -18.11 -13.62
N PHE D 180 2.34 -18.27 -13.55
CA PHE D 180 3.10 -18.94 -14.60
C PHE D 180 4.35 -19.57 -13.99
N GLU D 181 4.92 -20.51 -14.71
CA GLU D 181 6.13 -21.19 -14.24
C GLU D 181 7.23 -20.96 -15.26
N GLY D 182 8.40 -21.51 -14.97
CA GLY D 182 9.51 -21.36 -15.87
C GLY D 182 10.44 -22.54 -15.77
N GLN D 183 11.32 -22.66 -16.76
CA GLN D 183 12.31 -23.71 -16.80
C GLN D 183 13.46 -23.17 -17.63
N ILE D 184 14.66 -23.63 -17.31
CA ILE D 184 15.84 -23.17 -18.02
C ILE D 184 16.53 -24.35 -18.69
N PHE D 185 16.91 -24.16 -19.95
CA PHE D 185 17.63 -25.16 -20.70
C PHE D 185 18.95 -24.51 -21.06
N LYS D 186 20.05 -25.17 -20.75
CA LYS D 186 21.36 -24.60 -21.04
C LYS D 186 22.40 -25.57 -21.58
N GLU D 187 23.29 -25.04 -22.41
CA GLU D 187 24.37 -25.82 -23.00
C GLU D 187 25.39 -26.16 -21.95
N LYS D 188 25.76 -27.44 -21.91
CA LYS D 188 26.76 -27.93 -20.98
C LYS D 188 28.10 -27.62 -21.65
N GLU D 189 28.07 -27.59 -22.98
CA GLU D 189 29.25 -27.31 -23.79
C GLU D 189 28.78 -26.52 -25.02
N PRO D 190 29.64 -25.66 -25.57
CA PRO D 190 29.24 -24.89 -26.75
C PRO D 190 28.65 -25.77 -27.86
N ASP D 191 27.43 -25.45 -28.26
CA ASP D 191 26.73 -26.19 -29.29
C ASP D 191 26.71 -27.67 -28.94
N GLY D 192 26.88 -27.97 -27.65
CA GLY D 192 26.90 -29.34 -27.20
C GLY D 192 25.65 -29.84 -26.51
N GLU D 193 25.84 -30.61 -25.44
CA GLU D 193 24.74 -31.19 -24.68
C GLU D 193 23.95 -30.13 -23.94
N VAL D 194 22.63 -30.25 -23.98
CA VAL D 194 21.76 -29.32 -23.29
C VAL D 194 21.16 -29.98 -22.07
N ILE D 195 21.32 -29.33 -20.92
CA ILE D 195 20.80 -29.83 -19.65
C ILE D 195 19.72 -28.87 -19.16
N GLU D 196 18.82 -29.38 -18.33
CA GLU D 196 17.73 -28.56 -17.80
C GLU D 196 17.91 -28.20 -16.33
N GLU D 197 17.70 -26.91 -16.02
CA GLU D 197 17.80 -26.40 -14.65
C GLU D 197 16.35 -26.18 -14.26
N LYS D 198 15.88 -26.91 -13.24
CA LYS D 198 14.49 -26.81 -12.84
C LYS D 198 14.19 -25.66 -11.89
N PHE D 199 15.22 -25.09 -11.29
CA PHE D 199 15.04 -24.00 -10.35
C PHE D 199 15.50 -22.66 -10.88
N LEU D 200 14.55 -21.74 -11.06
CA LEU D 200 14.88 -20.41 -11.52
C LEU D 200 15.43 -19.58 -10.36
N GLU D 201 15.19 -20.02 -9.13
CA GLU D 201 15.66 -19.27 -7.97
C GLU D 201 16.93 -19.85 -7.33
N HIS D 202 17.79 -18.95 -6.84
CA HIS D 202 19.05 -19.35 -6.22
C HIS D 202 18.83 -20.00 -4.87
N HIS D 203 17.93 -19.40 -4.08
CA HIS D 203 17.61 -19.90 -2.75
C HIS D 203 16.13 -19.75 -2.43
N HIS D 204 15.71 -20.32 -1.30
CA HIS D 204 14.32 -20.29 -0.89
C HIS D 204 14.21 -20.54 0.62
#